data_2ON3
#
_entry.id   2ON3
#
_cell.length_a   60.540
_cell.length_b   104.840
_cell.length_c   137.350
_cell.angle_alpha   90.00
_cell.angle_beta   90.00
_cell.angle_gamma   90.00
#
_symmetry.space_group_name_H-M   'P 21 21 21'
#
loop_
_entity.id
_entity.type
_entity.pdbx_description
1 polymer 'Ornithine decarboxylase'
2 non-polymer 3-AMINOOXY-1-AMINOPROPANE
#
_entity_poly.entity_id   1
_entity_poly.type   'polypeptide(L)'
_entity_poly.pdbx_seq_one_letter_code
;MNNFGNEEFDCHFLDEGFTAKDILDQKINEVSSSDDKDAFYVADLGDILKKHLRWLKALPRVTPFYAVKCNDSKAIVKTL
AATGTGFDCASKTEIQLVQSLGVPPERIIYANPCKQVSQIKYAANNGVQMMTFDSEVELMKVARAHPKAKLVLRIATDDS
KAVCRLSVKFGATLRTSRLLLERAKELNIDVVGVSFHVGSGCTDPETFVQAISDARCVFDMGAEVGFSMYLLDIGGGFPG
SEDVKLKFEEITGVINPALDKYFPSDSGVRIIAEPGRYYVASAFTLAVNIIAKKIVLKEQTGSDDEDESSEQTFMYYVND
GVYGSFNCILYDHAHVKPLLQKRPKPDEKYYSSSIWGPTCDGLDRIVERCDLPEMHVGDWMLFENMGAYTVAAASTFNGF
QRPTIYYVMSGPAWQLMQQFQNPDFPPEVEEQDASTLPVSCAWESGMKRHRAACASASINV
;
_entity_poly.pdbx_strand_id   A,B
#
loop_
_chem_comp.id
_chem_comp.type
_chem_comp.name
_chem_comp.formula
XAP non-polymer 3-AMINOOXY-1-AMINOPROPANE 'C3 H10 N2 O'
#
# COMPACT_ATOMS: atom_id res chain seq x y z
N GLU A 7 -5.14 3.92 -28.31
CA GLU A 7 -4.46 3.93 -26.98
C GLU A 7 -5.11 4.89 -25.99
N GLU A 8 -4.95 4.57 -24.71
CA GLU A 8 -5.17 5.50 -23.60
C GLU A 8 -3.91 5.51 -22.71
N PHE A 9 -2.77 5.19 -23.35
CA PHE A 9 -1.45 5.07 -22.72
C PHE A 9 -0.31 5.58 -23.61
N ASP A 10 0.75 6.08 -22.98
CA ASP A 10 1.89 6.70 -23.65
C ASP A 10 2.80 5.68 -24.31
N CYS A 11 2.42 5.17 -25.49
CA CYS A 11 3.23 4.16 -26.19
C CYS A 11 4.10 4.71 -27.30
N HIS A 12 5.42 4.57 -27.18
CA HIS A 12 6.31 5.11 -28.20
C HIS A 12 7.16 4.07 -28.88
N PHE A 13 7.44 4.29 -30.17
CA PHE A 13 8.26 3.34 -30.95
C PHE A 13 9.72 3.71 -30.93
N LEU A 14 10.55 2.80 -30.41
CA LEU A 14 11.99 2.93 -30.45
C LEU A 14 12.50 2.93 -31.90
N ASP A 15 13.33 3.91 -32.25
CA ASP A 15 14.03 3.97 -33.56
C ASP A 15 15.14 2.92 -33.58
N GLU A 16 15.77 2.76 -34.74
CA GLU A 16 16.67 1.60 -35.02
C GLU A 16 17.55 1.12 -33.83
N GLY A 17 18.62 1.82 -33.49
CA GLY A 17 19.55 1.34 -32.44
C GLY A 17 19.19 1.64 -30.99
N PHE A 18 18.03 2.25 -30.77
CA PHE A 18 17.61 2.62 -29.43
C PHE A 18 17.05 1.41 -28.67
N THR A 19 17.52 1.23 -27.43
CA THR A 19 16.97 0.27 -26.45
C THR A 19 16.20 1.01 -25.39
N ALA A 20 15.43 0.28 -24.58
CA ALA A 20 14.69 0.84 -23.47
C ALA A 20 15.54 1.73 -22.56
N LYS A 21 16.69 1.20 -22.15
CA LYS A 21 17.62 1.94 -21.28
C LYS A 21 18.16 3.20 -21.95
N ASP A 22 18.38 3.14 -23.26
CA ASP A 22 18.70 4.36 -24.00
C ASP A 22 17.61 5.46 -23.88
N ILE A 23 16.35 5.09 -24.04
CA ILE A 23 15.27 6.05 -23.83
C ILE A 23 15.31 6.63 -22.40
N LEU A 24 15.50 5.77 -21.42
CA LEU A 24 15.60 6.22 -20.06
C LEU A 24 16.72 7.25 -19.98
N ASP A 25 17.94 6.86 -20.37
CA ASP A 25 19.10 7.76 -20.50
C ASP A 25 18.80 9.09 -21.23
N GLN A 26 18.03 8.97 -22.31
CA GLN A 26 17.59 10.11 -23.06
C GLN A 26 16.67 10.98 -22.21
N LYS A 27 15.58 10.41 -21.68
CA LYS A 27 14.57 11.21 -21.02
C LYS A 27 15.10 11.94 -19.78
N ILE A 28 16.05 11.35 -19.05
CA ILE A 28 16.62 12.06 -17.88
C ILE A 28 17.49 13.23 -18.33
N ASN A 29 18.13 13.08 -19.48
CA ASN A 29 18.92 14.14 -20.09
C ASN A 29 18.08 15.28 -20.69
N GLU A 30 16.95 14.96 -21.24
CA GLU A 30 16.25 15.98 -21.94
C GLU A 30 15.41 16.68 -20.91
N VAL A 31 15.69 16.36 -19.67
CA VAL A 31 15.19 17.10 -18.54
C VAL A 31 16.31 17.37 -17.58
N SER A 32 16.79 18.58 -17.56
CA SER A 32 17.89 18.92 -16.70
C SER A 32 17.96 20.40 -16.66
N SER A 33 17.40 21.04 -17.68
CA SER A 33 16.90 22.41 -17.56
C SER A 33 16.01 22.56 -16.34
N SER A 34 15.22 23.64 -16.31
CA SER A 34 14.13 23.76 -15.36
C SER A 34 14.26 22.75 -14.22
N ASP A 35 13.30 21.82 -14.15
CA ASP A 35 12.87 21.27 -12.88
C ASP A 35 11.93 20.08 -13.09
N ASP A 36 11.37 19.58 -11.99
CA ASP A 36 10.35 18.54 -12.06
C ASP A 36 10.97 17.20 -12.45
N LYS A 37 11.65 16.56 -11.50
CA LYS A 37 12.46 15.44 -11.79
C LYS A 37 11.77 14.43 -11.03
N ASP A 38 10.55 14.14 -11.45
CA ASP A 38 9.70 13.14 -10.83
C ASP A 38 10.09 11.75 -11.29
N ALA A 39 10.00 10.78 -10.38
CA ALA A 39 10.30 9.37 -10.69
C ALA A 39 9.43 8.83 -11.82
N PHE A 40 10.03 8.00 -12.68
CA PHE A 40 9.29 7.48 -13.81
C PHE A 40 9.74 6.11 -14.22
N TYR A 41 8.82 5.37 -14.82
CA TYR A 41 9.14 4.06 -15.37
C TYR A 41 9.40 4.10 -16.89
N VAL A 42 10.30 3.22 -17.32
CA VAL A 42 10.38 2.86 -18.72
C VAL A 42 9.99 1.38 -18.87
N ALA A 43 8.84 1.19 -19.50
CA ALA A 43 8.28 -0.11 -19.64
C ALA A 43 8.49 -0.56 -21.06
N ASP A 44 9.39 -1.52 -21.25
CA ASP A 44 9.69 -2.04 -22.57
C ASP A 44 8.72 -3.17 -22.81
N LEU A 45 7.73 -2.92 -23.64
CA LEU A 45 6.76 -3.92 -24.04
C LEU A 45 7.37 -5.03 -24.90
N GLY A 46 8.46 -4.72 -25.58
CA GLY A 46 9.24 -5.69 -26.32
C GLY A 46 9.67 -6.80 -25.40
N ASP A 47 10.24 -6.41 -24.26
CA ASP A 47 10.76 -7.37 -23.27
C ASP A 47 9.68 -8.34 -22.87
N ILE A 48 8.41 -7.92 -22.93
CA ILE A 48 7.29 -8.81 -22.61
C ILE A 48 7.07 -9.85 -23.71
N LEU A 49 7.05 -9.38 -24.97
CA LEU A 49 7.06 -10.31 -26.11
C LEU A 49 8.18 -11.36 -26.01
N LYS A 50 9.43 -10.91 -26.01
CA LYS A 50 10.58 -11.80 -25.74
C LYS A 50 10.21 -12.94 -24.79
N LYS A 51 9.59 -12.58 -23.64
CA LYS A 51 9.24 -13.50 -22.55
C LYS A 51 8.17 -14.51 -22.95
N HIS A 52 7.16 -14.03 -23.66
CA HIS A 52 6.11 -14.90 -24.16
C HIS A 52 6.66 -15.93 -25.12
N LEU A 53 7.41 -15.43 -26.08
CA LEU A 53 8.09 -16.24 -27.08
C LEU A 53 8.92 -17.31 -26.36
N ARG A 54 9.79 -16.86 -25.44
CA ARG A 54 10.65 -17.73 -24.68
C ARG A 54 9.81 -18.72 -23.91
N TRP A 55 8.67 -18.26 -23.38
CA TRP A 55 7.73 -19.18 -22.71
C TRP A 55 7.25 -20.28 -23.66
N LEU A 56 6.85 -19.95 -24.88
CA LEU A 56 6.44 -20.97 -25.83
C LEU A 56 7.52 -22.00 -26.07
N LYS A 57 8.78 -21.55 -26.14
CA LYS A 57 9.94 -22.44 -26.32
C LYS A 57 10.14 -23.40 -25.15
N ALA A 58 9.86 -22.93 -23.93
CA ALA A 58 10.31 -23.67 -22.77
C ALA A 58 9.29 -24.68 -22.35
N LEU A 59 8.04 -24.26 -22.32
CA LEU A 59 6.95 -25.09 -21.85
C LEU A 59 5.96 -25.19 -22.99
N PRO A 60 6.25 -26.04 -23.97
CA PRO A 60 5.48 -25.86 -25.19
C PRO A 60 4.08 -26.47 -25.05
N ARG A 61 3.91 -27.32 -24.05
CA ARG A 61 2.63 -27.92 -23.66
C ARG A 61 1.72 -26.96 -22.87
N VAL A 62 2.30 -25.93 -22.25
CA VAL A 62 1.67 -25.18 -21.16
C VAL A 62 1.22 -23.80 -21.62
N THR A 63 -0.10 -23.61 -21.72
CA THR A 63 -0.68 -22.30 -22.04
C THR A 63 -0.52 -21.34 -20.87
N PRO A 64 0.02 -20.13 -21.12
CA PRO A 64 0.24 -19.22 -19.99
C PRO A 64 -0.98 -18.33 -19.77
N PHE A 65 -1.42 -18.21 -18.52
CA PHE A 65 -2.57 -17.35 -18.19
C PHE A 65 -2.05 -16.29 -17.23
N TYR A 66 -1.74 -15.10 -17.77
CA TYR A 66 -1.06 -14.03 -17.03
C TYR A 66 -1.78 -13.61 -15.77
N ALA A 67 -1.09 -13.60 -14.64
CA ALA A 67 -1.70 -13.20 -13.37
C ALA A 67 -1.85 -11.70 -13.33
N VAL A 68 -2.99 -11.23 -13.79
CA VAL A 68 -3.26 -9.80 -13.87
C VAL A 68 -2.85 -9.08 -12.61
N LYS A 69 -3.23 -9.62 -11.45
CA LYS A 69 -2.89 -9.04 -10.12
C LYS A 69 -1.49 -8.44 -10.04
N CYS A 70 -0.54 -9.09 -10.71
CA CYS A 70 0.87 -8.79 -10.66
C CYS A 70 1.25 -7.43 -11.19
N ASN A 71 0.81 -7.12 -12.41
CA ASN A 71 0.96 -5.78 -12.94
C ASN A 71 -0.26 -5.53 -13.80
N ASP A 72 -1.22 -4.81 -13.22
CA ASP A 72 -2.57 -4.59 -13.77
C ASP A 72 -2.67 -3.51 -14.86
N SER A 73 -1.53 -3.05 -15.35
CA SER A 73 -1.48 -1.92 -16.31
C SER A 73 -2.11 -2.20 -17.64
N LYS A 74 -2.86 -1.25 -18.16
CA LYS A 74 -3.68 -1.51 -19.35
C LYS A 74 -2.85 -1.89 -20.57
N ALA A 75 -1.65 -1.31 -20.66
CA ALA A 75 -0.74 -1.63 -21.75
C ALA A 75 -0.25 -3.07 -21.70
N ILE A 76 0.06 -3.55 -20.49
CA ILE A 76 0.58 -4.90 -20.30
C ILE A 76 -0.47 -5.93 -20.69
N VAL A 77 -1.70 -5.71 -20.22
CA VAL A 77 -2.81 -6.60 -20.55
C VAL A 77 -3.18 -6.56 -22.03
N LYS A 78 -3.22 -5.36 -22.63
CA LYS A 78 -3.47 -5.23 -24.08
C LYS A 78 -2.39 -5.87 -24.98
N THR A 79 -1.13 -5.66 -24.63
CA THR A 79 -0.03 -6.32 -25.30
C THR A 79 -0.22 -7.83 -25.19
N LEU A 80 -0.27 -8.34 -23.96
CA LEU A 80 -0.50 -9.78 -23.72
C LEU A 80 -1.72 -10.34 -24.41
N ALA A 81 -2.84 -9.61 -24.36
CA ALA A 81 -4.07 -10.04 -25.03
C ALA A 81 -3.83 -10.28 -26.49
N ALA A 82 -3.25 -9.29 -27.15
CA ALA A 82 -2.91 -9.39 -28.54
C ALA A 82 -2.10 -10.66 -28.82
N THR A 83 -1.17 -11.01 -27.92
CA THR A 83 -0.34 -12.21 -28.10
C THR A 83 -1.11 -13.54 -28.03
N GLY A 84 -2.22 -13.56 -27.31
CA GLY A 84 -3.01 -14.80 -27.22
C GLY A 84 -2.83 -15.53 -25.90
N THR A 85 -2.21 -14.88 -24.91
CA THR A 85 -2.23 -15.43 -23.56
C THR A 85 -3.65 -15.48 -22.98
N GLY A 86 -3.84 -16.38 -22.03
CA GLY A 86 -4.98 -16.35 -21.15
C GLY A 86 -4.64 -15.44 -19.99
N PHE A 87 -5.60 -15.24 -19.10
CA PHE A 87 -5.47 -14.28 -18.01
C PHE A 87 -6.00 -14.90 -16.77
N ASP A 88 -5.30 -14.64 -15.68
CA ASP A 88 -5.70 -15.03 -14.33
C ASP A 88 -6.26 -13.79 -13.60
N CYS A 89 -7.59 -13.79 -13.41
CA CYS A 89 -8.24 -12.72 -12.64
C CYS A 89 -8.71 -13.21 -11.28
N ALA A 90 -8.64 -12.34 -10.29
CA ALA A 90 -9.01 -12.69 -8.92
C ALA A 90 -10.12 -11.82 -8.35
N SER A 91 -10.53 -10.80 -9.11
CA SER A 91 -11.64 -9.98 -8.71
C SER A 91 -12.48 -9.58 -9.89
N LYS A 92 -13.74 -9.28 -9.63
CA LYS A 92 -14.61 -8.65 -10.59
C LYS A 92 -13.86 -7.58 -11.37
N THR A 93 -13.18 -6.68 -10.67
CA THR A 93 -12.52 -5.60 -11.39
C THR A 93 -11.39 -6.08 -12.33
N GLU A 94 -10.63 -7.10 -11.93
CA GLU A 94 -9.67 -7.70 -12.87
C GLU A 94 -10.35 -8.28 -14.13
N ILE A 95 -11.44 -9.03 -13.95
CA ILE A 95 -12.27 -9.55 -15.03
C ILE A 95 -12.77 -8.43 -15.92
N GLN A 96 -13.32 -7.36 -15.33
CA GLN A 96 -13.80 -6.23 -16.14
C GLN A 96 -12.67 -5.67 -16.99
N LEU A 97 -11.50 -5.44 -16.38
CA LEU A 97 -10.39 -4.90 -17.13
C LEU A 97 -10.13 -5.70 -18.41
N VAL A 98 -9.82 -6.98 -18.22
CA VAL A 98 -9.54 -7.91 -19.30
C VAL A 98 -10.65 -7.89 -20.35
N GLN A 99 -11.91 -7.98 -19.94
CA GLN A 99 -13.04 -7.95 -20.90
C GLN A 99 -13.16 -6.63 -21.64
N SER A 100 -12.91 -5.54 -20.96
CA SER A 100 -12.92 -4.24 -21.59
C SER A 100 -11.78 -4.11 -22.58
N LEU A 101 -10.98 -5.15 -22.79
CA LEU A 101 -9.96 -5.12 -23.85
C LEU A 101 -10.34 -6.15 -24.90
N GLY A 102 -11.58 -6.61 -24.81
CA GLY A 102 -12.14 -7.50 -25.81
C GLY A 102 -11.67 -8.95 -25.77
N VAL A 103 -10.92 -9.32 -24.74
CA VAL A 103 -10.60 -10.73 -24.49
C VAL A 103 -11.90 -11.50 -24.22
N PRO A 104 -12.17 -12.56 -24.98
CA PRO A 104 -13.32 -13.37 -24.64
C PRO A 104 -13.14 -14.14 -23.33
N PRO A 105 -14.25 -14.46 -22.63
CA PRO A 105 -14.23 -15.18 -21.36
C PRO A 105 -13.53 -16.55 -21.35
N GLU A 106 -13.59 -17.30 -22.45
CA GLU A 106 -12.89 -18.58 -22.54
C GLU A 106 -11.40 -18.43 -22.21
N ARG A 107 -10.88 -17.21 -22.30
CA ARG A 107 -9.46 -16.94 -22.03
C ARG A 107 -9.18 -16.36 -20.65
N ILE A 108 -10.11 -16.59 -19.72
CA ILE A 108 -10.02 -16.06 -18.36
C ILE A 108 -10.17 -17.21 -17.40
N ILE A 109 -9.36 -17.28 -16.36
CA ILE A 109 -9.67 -18.16 -15.23
C ILE A 109 -9.76 -17.33 -13.93
N TYR A 110 -10.92 -17.42 -13.27
CA TYR A 110 -11.14 -16.73 -12.01
C TYR A 110 -10.41 -17.55 -10.92
N ALA A 111 -9.14 -17.26 -10.68
CA ALA A 111 -8.35 -18.18 -9.88
C ALA A 111 -8.39 -17.98 -8.35
N ASN A 112 -8.97 -16.89 -7.87
CA ASN A 112 -9.07 -16.65 -6.44
C ASN A 112 -9.97 -17.69 -5.78
N PRO A 113 -9.40 -18.53 -4.92
CA PRO A 113 -10.12 -19.67 -4.30
C PRO A 113 -11.23 -19.29 -3.29
N CYS A 114 -11.27 -18.04 -2.87
CA CYS A 114 -12.26 -17.61 -1.91
C CYS A 114 -12.90 -16.34 -2.42
N LYS A 115 -13.93 -16.51 -3.24
CA LYS A 115 -14.51 -15.41 -3.93
C LYS A 115 -15.72 -14.93 -3.17
N GLN A 116 -15.84 -13.60 -3.03
CA GLN A 116 -17.05 -12.99 -2.50
C GLN A 116 -18.17 -13.29 -3.47
N VAL A 117 -19.28 -13.79 -2.93
CA VAL A 117 -20.45 -14.19 -3.70
C VAL A 117 -20.95 -13.23 -4.79
N SER A 118 -20.94 -11.92 -4.56
CA SER A 118 -21.45 -11.01 -5.56
C SER A 118 -20.52 -11.00 -6.76
N GLN A 119 -19.25 -11.30 -6.52
CA GLN A 119 -18.26 -11.34 -7.58
C GLN A 119 -18.33 -12.66 -8.36
N ILE A 120 -18.64 -13.75 -7.66
CA ILE A 120 -18.97 -14.99 -8.30
C ILE A 120 -20.16 -14.71 -9.23
N LYS A 121 -21.13 -13.99 -8.69
CA LYS A 121 -22.33 -13.66 -9.45
C LYS A 121 -21.96 -12.88 -10.67
N TYR A 122 -21.08 -11.87 -10.50
CA TYR A 122 -20.60 -11.07 -11.63
C TYR A 122 -20.02 -11.95 -12.68
N ALA A 123 -19.10 -12.83 -12.27
CA ALA A 123 -18.45 -13.76 -13.19
C ALA A 123 -19.45 -14.65 -13.92
N ALA A 124 -20.47 -15.12 -13.23
CA ALA A 124 -21.48 -15.96 -13.86
C ALA A 124 -22.32 -15.21 -14.90
N ASN A 125 -22.69 -13.96 -14.62
CA ASN A 125 -23.45 -13.16 -15.57
C ASN A 125 -22.64 -12.64 -16.73
N ASN A 126 -21.39 -13.08 -16.83
CA ASN A 126 -20.47 -12.58 -17.86
C ASN A 126 -19.69 -13.67 -18.60
N GLY A 127 -20.05 -14.93 -18.37
CA GLY A 127 -19.52 -16.02 -19.15
C GLY A 127 -18.25 -16.65 -18.64
N VAL A 128 -17.83 -16.28 -17.45
CA VAL A 128 -16.61 -16.82 -16.88
C VAL A 128 -16.89 -18.12 -16.15
N GLN A 129 -16.61 -19.25 -16.80
CA GLN A 129 -16.98 -20.56 -16.28
C GLN A 129 -15.97 -21.16 -15.34
N MET A 130 -14.69 -20.91 -15.56
CA MET A 130 -13.66 -21.63 -14.83
C MET A 130 -13.20 -20.91 -13.57
N MET A 131 -13.40 -21.54 -12.44
CA MET A 131 -13.04 -20.96 -11.17
C MET A 131 -12.28 -21.96 -10.39
N THR A 132 -11.87 -21.57 -9.20
CA THR A 132 -10.96 -22.34 -8.41
C THR A 132 -11.63 -22.41 -7.05
N PHE A 133 -11.31 -23.44 -6.27
CA PHE A 133 -11.86 -23.57 -4.92
C PHE A 133 -10.94 -24.45 -4.08
N ASP A 134 -11.17 -24.46 -2.77
CA ASP A 134 -10.49 -25.39 -1.88
C ASP A 134 -11.17 -25.48 -0.51
N SER A 135 -12.40 -24.99 -0.40
CA SER A 135 -13.22 -25.25 0.78
C SER A 135 -14.60 -25.82 0.47
N GLU A 136 -15.16 -26.58 1.41
CA GLU A 136 -16.51 -27.07 1.23
C GLU A 136 -17.48 -25.88 1.14
N VAL A 137 -17.30 -24.88 1.98
CA VAL A 137 -18.09 -23.64 1.92
C VAL A 137 -18.05 -22.99 0.52
N GLU A 138 -16.85 -22.90 -0.04
CA GLU A 138 -16.67 -22.40 -1.39
C GLU A 138 -17.62 -23.09 -2.31
N LEU A 139 -17.64 -24.42 -2.24
CA LEU A 139 -18.54 -25.22 -3.06
C LEU A 139 -20.01 -24.86 -2.87
N MET A 140 -20.42 -24.68 -1.62
CA MET A 140 -21.78 -24.30 -1.35
C MET A 140 -22.07 -22.97 -2.04
N LYS A 141 -21.17 -22.00 -1.92
CA LYS A 141 -21.32 -20.73 -2.64
C LYS A 141 -21.57 -20.92 -4.12
N VAL A 142 -20.81 -21.81 -4.72
CA VAL A 142 -20.81 -22.03 -6.16
C VAL A 142 -22.07 -22.70 -6.65
N ALA A 143 -22.60 -23.63 -5.86
CA ALA A 143 -23.89 -24.25 -6.13
C ALA A 143 -24.98 -23.17 -6.20
N ARG A 144 -25.02 -22.30 -5.19
CA ARG A 144 -25.94 -21.18 -5.14
C ARG A 144 -25.72 -20.18 -6.28
N ALA A 145 -24.49 -19.79 -6.54
CA ALA A 145 -24.28 -18.60 -7.38
C ALA A 145 -23.85 -18.86 -8.83
N HIS A 146 -23.35 -20.07 -9.11
CA HIS A 146 -22.75 -20.36 -10.42
C HIS A 146 -22.70 -21.86 -10.65
N PRO A 147 -23.86 -22.52 -10.65
CA PRO A 147 -23.88 -23.99 -10.61
C PRO A 147 -23.32 -24.67 -11.88
N LYS A 148 -23.27 -23.96 -13.01
CA LYS A 148 -22.75 -24.48 -14.29
C LYS A 148 -21.23 -24.34 -14.43
N ALA A 149 -20.61 -23.69 -13.46
CA ALA A 149 -19.16 -23.45 -13.39
C ALA A 149 -18.28 -24.68 -13.49
N LYS A 150 -17.07 -24.48 -13.99
CA LYS A 150 -16.11 -25.56 -14.16
C LYS A 150 -15.05 -25.40 -13.11
N LEU A 151 -15.11 -26.16 -12.04
CA LEU A 151 -14.20 -25.90 -10.92
C LEU A 151 -12.84 -26.55 -11.03
N VAL A 152 -11.82 -25.80 -10.69
CA VAL A 152 -10.49 -26.36 -10.53
C VAL A 152 -10.19 -26.44 -9.04
N LEU A 153 -9.83 -27.62 -8.57
CA LEU A 153 -9.54 -27.79 -7.15
C LEU A 153 -8.11 -27.41 -6.92
N ARG A 154 -7.86 -26.54 -5.95
CA ARG A 154 -6.52 -26.06 -5.68
C ARG A 154 -5.84 -26.79 -4.53
N ILE A 155 -4.80 -27.56 -4.83
CA ILE A 155 -4.17 -28.40 -3.80
C ILE A 155 -2.99 -27.73 -3.08
N ALA A 156 -2.60 -28.27 -1.93
CA ALA A 156 -1.48 -27.72 -1.16
C ALA A 156 -0.13 -28.17 -1.69
N THR A 157 0.90 -27.40 -1.34
CA THR A 157 2.30 -27.69 -1.70
C THR A 157 3.23 -27.31 -0.55
N VAL A 168 -0.97 -22.08 6.18
CA VAL A 168 -0.96 -21.52 4.84
C VAL A 168 -2.41 -21.20 4.42
N LYS A 169 -2.59 -20.05 3.78
CA LYS A 169 -3.89 -19.49 3.38
C LYS A 169 -4.70 -20.32 2.35
N PHE A 170 -4.05 -20.84 1.32
CA PHE A 170 -4.75 -21.64 0.30
C PHE A 170 -4.09 -23.00 0.07
N GLY A 171 -4.89 -23.97 -0.36
CA GLY A 171 -4.41 -25.30 -0.77
C GLY A 171 -5.03 -26.45 0.00
N ALA A 172 -5.97 -27.16 -0.62
CA ALA A 172 -6.54 -28.34 0.04
C ALA A 172 -5.51 -29.47 0.03
N THR A 173 -5.39 -30.17 1.16
CA THR A 173 -4.56 -31.36 1.24
C THR A 173 -5.23 -32.52 0.52
N LEU A 174 -4.55 -33.66 0.43
CA LEU A 174 -5.12 -34.79 -0.24
C LEU A 174 -6.35 -35.37 0.49
N ARG A 175 -6.34 -35.36 1.83
CA ARG A 175 -7.50 -35.83 2.61
C ARG A 175 -8.70 -34.94 2.34
N THR A 176 -8.50 -33.62 2.33
CA THR A 176 -9.59 -32.71 2.01
C THR A 176 -10.02 -32.93 0.56
N SER A 177 -9.05 -33.13 -0.31
CA SER A 177 -9.33 -33.26 -1.73
C SER A 177 -10.30 -34.39 -1.98
N ARG A 178 -10.08 -35.52 -1.28
CA ARG A 178 -11.00 -36.66 -1.34
C ARG A 178 -12.41 -36.25 -0.88
N LEU A 179 -12.48 -35.55 0.25
CA LEU A 179 -13.75 -35.09 0.82
C LEU A 179 -14.43 -33.99 -0.03
N LEU A 180 -13.62 -33.13 -0.65
CA LEU A 180 -14.18 -32.10 -1.52
C LEU A 180 -14.85 -32.68 -2.75
N LEU A 181 -14.17 -33.62 -3.39
CA LEU A 181 -14.69 -34.24 -4.59
C LEU A 181 -16.04 -34.92 -4.34
N GLU A 182 -16.13 -35.61 -3.21
CA GLU A 182 -17.36 -36.27 -2.82
C GLU A 182 -18.47 -35.24 -2.57
N ARG A 183 -18.11 -34.21 -1.81
CA ARG A 183 -19.04 -33.13 -1.50
C ARG A 183 -19.45 -32.35 -2.77
N ALA A 184 -18.60 -32.40 -3.79
CA ALA A 184 -18.86 -31.75 -5.05
C ALA A 184 -19.72 -32.62 -5.93
N LYS A 185 -19.82 -33.90 -5.58
CA LYS A 185 -20.65 -34.85 -6.34
C LYS A 185 -22.07 -34.74 -5.88
N GLU A 186 -22.28 -34.81 -4.57
CA GLU A 186 -23.61 -34.70 -4.00
C GLU A 186 -24.25 -33.34 -4.36
N LEU A 187 -23.40 -32.38 -4.72
CA LEU A 187 -23.81 -31.03 -5.13
C LEU A 187 -24.03 -30.86 -6.62
N ASN A 188 -23.58 -31.83 -7.40
CA ASN A 188 -23.68 -31.74 -8.84
C ASN A 188 -22.99 -30.51 -9.40
N ILE A 189 -21.74 -30.32 -8.99
CA ILE A 189 -20.87 -29.32 -9.58
C ILE A 189 -19.73 -30.02 -10.27
N ASP A 190 -19.36 -29.52 -11.45
CA ASP A 190 -18.36 -30.16 -12.25
C ASP A 190 -16.96 -29.76 -11.82
N VAL A 191 -16.13 -30.74 -11.49
CA VAL A 191 -14.73 -30.45 -11.24
C VAL A 191 -13.90 -30.92 -12.44
N VAL A 192 -13.46 -29.96 -13.24
CA VAL A 192 -12.70 -30.25 -14.42
C VAL A 192 -11.22 -30.41 -14.14
N GLY A 193 -10.78 -30.13 -12.91
CA GLY A 193 -9.39 -30.36 -12.61
C GLY A 193 -8.70 -29.80 -11.39
N VAL A 194 -7.37 -29.80 -11.43
CA VAL A 194 -6.58 -29.49 -10.25
C VAL A 194 -5.59 -28.40 -10.58
N SER A 195 -5.34 -27.55 -9.58
CA SER A 195 -4.40 -26.43 -9.66
C SER A 195 -3.54 -26.43 -8.41
N PHE A 196 -2.27 -26.09 -8.56
CA PHE A 196 -1.39 -25.84 -7.39
C PHE A 196 -0.65 -24.53 -7.57
N HIS A 197 -0.17 -23.96 -6.48
CA HIS A 197 0.73 -22.83 -6.58
C HIS A 197 2.06 -23.01 -5.77
N VAL A 198 3.19 -23.02 -6.48
CA VAL A 198 4.49 -23.23 -5.84
C VAL A 198 4.92 -22.05 -4.95
N GLY A 199 4.84 -20.84 -5.50
CA GLY A 199 5.22 -19.64 -4.78
C GLY A 199 6.59 -19.15 -5.22
N SER A 200 6.79 -17.83 -5.19
CA SER A 200 8.02 -17.22 -5.74
C SER A 200 9.28 -17.54 -4.93
N GLY A 201 9.14 -17.71 -3.63
CA GLY A 201 10.24 -18.16 -2.75
C GLY A 201 10.54 -19.65 -2.91
N CYS A 202 10.41 -20.11 -4.15
CA CYS A 202 10.69 -21.49 -4.58
C CYS A 202 12.20 -21.71 -4.85
N THR A 203 12.82 -22.45 -3.94
CA THR A 203 14.24 -22.80 -4.08
C THR A 203 14.45 -24.09 -4.90
N ASP A 204 13.77 -25.16 -4.49
CA ASP A 204 13.87 -26.50 -5.11
C ASP A 204 12.94 -26.53 -6.34
N PRO A 205 13.43 -27.02 -7.50
CA PRO A 205 12.57 -27.37 -8.64
C PRO A 205 11.75 -28.63 -8.37
N GLU A 206 12.25 -29.49 -7.50
CA GLU A 206 11.55 -30.71 -7.08
C GLU A 206 10.10 -30.44 -6.67
N THR A 207 9.88 -29.28 -6.05
CA THR A 207 8.58 -28.86 -5.55
C THR A 207 7.50 -29.03 -6.60
N PHE A 208 7.85 -28.65 -7.83
CA PHE A 208 6.97 -28.82 -9.00
C PHE A 208 6.57 -30.26 -9.23
N VAL A 209 7.59 -31.11 -9.42
CA VAL A 209 7.48 -32.57 -9.56
C VAL A 209 6.56 -33.22 -8.50
N GLN A 210 6.87 -32.93 -7.24
CA GLN A 210 6.04 -33.32 -6.12
C GLN A 210 4.58 -32.93 -6.36
N ALA A 211 4.34 -31.66 -6.66
CA ALA A 211 3.00 -31.10 -6.82
C ALA A 211 2.26 -31.70 -8.00
N ILE A 212 2.96 -31.93 -9.11
CA ILE A 212 2.38 -32.55 -10.29
C ILE A 212 1.98 -33.98 -9.96
N SER A 213 2.81 -34.62 -9.15
CA SER A 213 2.59 -35.97 -8.69
C SER A 213 1.37 -36.04 -7.80
N ASP A 214 1.17 -35.05 -6.95
CA ASP A 214 -0.01 -34.98 -6.12
C ASP A 214 -1.23 -34.68 -6.97
N ALA A 215 -1.09 -33.84 -7.98
CA ALA A 215 -2.21 -33.51 -8.86
C ALA A 215 -2.67 -34.72 -9.65
N ARG A 216 -1.72 -35.49 -10.14
CA ARG A 216 -2.03 -36.71 -10.87
C ARG A 216 -2.85 -37.61 -9.98
N CYS A 217 -2.47 -37.64 -8.72
CA CYS A 217 -3.18 -38.41 -7.73
C CYS A 217 -4.65 -37.94 -7.57
N VAL A 218 -4.89 -36.64 -7.43
CA VAL A 218 -6.25 -36.12 -7.33
C VAL A 218 -7.03 -36.40 -8.62
N PHE A 219 -6.37 -36.35 -9.75
CA PHE A 219 -7.01 -36.69 -11.00
C PHE A 219 -7.55 -38.10 -10.91
N ASP A 220 -6.77 -38.98 -10.28
CA ASP A 220 -7.14 -40.38 -10.11
C ASP A 220 -8.27 -40.46 -9.10
N MET A 221 -8.03 -39.91 -7.91
CA MET A 221 -9.10 -39.74 -6.92
C MET A 221 -10.40 -39.28 -7.58
N GLY A 222 -10.27 -38.39 -8.54
CA GLY A 222 -11.40 -37.77 -9.13
C GLY A 222 -12.14 -38.66 -10.09
N ALA A 223 -11.40 -39.47 -10.86
CA ALA A 223 -12.03 -40.40 -11.79
C ALA A 223 -12.74 -41.49 -11.00
N GLU A 224 -12.12 -41.96 -9.92
CA GLU A 224 -12.76 -42.94 -9.03
C GLU A 224 -14.23 -42.61 -8.75
N VAL A 225 -14.55 -41.33 -8.60
CA VAL A 225 -15.92 -40.93 -8.31
C VAL A 225 -16.61 -40.31 -9.52
N GLY A 226 -16.01 -40.57 -10.66
CA GLY A 226 -16.61 -40.27 -11.94
C GLY A 226 -16.40 -38.85 -12.40
N PHE A 227 -15.29 -38.25 -12.05
CA PHE A 227 -15.00 -36.97 -12.61
C PHE A 227 -14.08 -37.13 -13.80
N SER A 228 -14.51 -36.53 -14.90
CA SER A 228 -13.83 -36.56 -16.19
C SER A 228 -12.90 -35.35 -16.30
N MET A 229 -11.81 -35.39 -15.54
CA MET A 229 -10.96 -34.22 -15.34
C MET A 229 -9.94 -34.02 -16.46
N TYR A 230 -9.92 -32.82 -17.03
CA TYR A 230 -9.05 -32.49 -18.15
C TYR A 230 -8.11 -31.29 -17.96
N LEU A 231 -8.06 -30.71 -16.77
CA LEU A 231 -7.28 -29.47 -16.56
C LEU A 231 -6.28 -29.49 -15.42
N LEU A 232 -5.02 -29.21 -15.75
CA LEU A 232 -3.97 -29.07 -14.76
C LEU A 232 -3.40 -27.67 -14.83
N ASP A 233 -3.53 -26.93 -13.75
CA ASP A 233 -3.03 -25.56 -13.65
C ASP A 233 -1.83 -25.56 -12.71
N ILE A 234 -0.66 -25.18 -13.22
CA ILE A 234 0.58 -25.34 -12.46
C ILE A 234 1.03 -24.09 -11.69
N GLY A 235 0.14 -23.10 -11.60
CA GLY A 235 0.41 -21.90 -10.85
C GLY A 235 1.40 -21.01 -11.55
N GLY A 236 2.09 -20.20 -10.77
CA GLY A 236 3.16 -19.37 -11.26
C GLY A 236 4.38 -19.59 -10.39
N GLY A 237 5.14 -18.52 -10.17
CA GLY A 237 6.32 -18.55 -9.32
C GLY A 237 7.57 -18.65 -10.15
N PHE A 238 7.43 -18.44 -11.46
CA PHE A 238 8.57 -18.48 -12.33
C PHE A 238 9.28 -17.14 -12.24
N PRO A 239 10.62 -17.14 -12.32
CA PRO A 239 11.35 -15.91 -12.08
C PRO A 239 11.19 -15.02 -13.28
N GLY A 240 11.38 -13.72 -13.09
CA GLY A 240 11.19 -12.77 -14.14
C GLY A 240 12.45 -12.06 -14.58
N SER A 241 13.59 -12.50 -14.04
CA SER A 241 14.87 -11.90 -14.39
C SER A 241 16.03 -12.86 -14.25
N GLU A 242 17.10 -12.57 -14.98
CA GLU A 242 18.28 -13.41 -15.01
C GLU A 242 19.08 -13.33 -13.73
N ASP A 243 18.70 -12.36 -12.91
CA ASP A 243 19.43 -12.02 -11.72
C ASP A 243 18.89 -12.79 -10.51
N VAL A 244 18.66 -14.08 -10.70
CA VAL A 244 18.22 -14.99 -9.63
C VAL A 244 19.08 -16.25 -9.70
N LYS A 245 19.07 -17.05 -8.63
CA LYS A 245 19.96 -18.20 -8.64
C LYS A 245 19.36 -19.32 -9.47
N LEU A 246 18.16 -19.75 -9.10
CA LEU A 246 17.36 -20.71 -9.89
C LEU A 246 16.68 -20.07 -11.12
N LYS A 247 17.19 -20.37 -12.31
CA LYS A 247 16.74 -19.68 -13.52
C LYS A 247 15.47 -20.29 -14.13
N PHE A 248 14.81 -19.53 -15.01
CA PHE A 248 13.56 -19.99 -15.62
C PHE A 248 13.68 -21.40 -16.16
N GLU A 249 14.57 -21.57 -17.15
CA GLU A 249 14.66 -22.79 -17.99
C GLU A 249 15.09 -24.00 -17.18
N GLU A 250 15.91 -23.74 -16.18
CA GLU A 250 16.28 -24.75 -15.23
C GLU A 250 15.05 -25.40 -14.61
N ILE A 251 14.07 -24.57 -14.21
CA ILE A 251 12.74 -25.03 -13.71
C ILE A 251 11.94 -25.81 -14.75
N THR A 252 11.96 -25.35 -15.99
CA THR A 252 11.24 -26.03 -17.06
C THR A 252 11.88 -27.36 -17.43
N GLY A 253 13.16 -27.51 -17.08
CA GLY A 253 13.88 -28.75 -17.27
C GLY A 253 13.29 -29.86 -16.43
N VAL A 254 12.91 -29.56 -15.18
CA VAL A 254 12.39 -30.58 -14.27
C VAL A 254 10.84 -30.69 -14.33
N ILE A 255 10.20 -29.79 -15.08
CA ILE A 255 8.74 -29.80 -15.28
C ILE A 255 8.35 -30.68 -16.47
N ASN A 256 8.91 -30.41 -17.64
CA ASN A 256 8.57 -31.16 -18.84
C ASN A 256 8.62 -32.69 -18.66
N PRO A 257 9.72 -33.21 -18.06
CA PRO A 257 9.74 -34.61 -17.61
C PRO A 257 8.57 -34.97 -16.71
N ALA A 258 8.39 -34.27 -15.58
CA ALA A 258 7.32 -34.57 -14.62
C ALA A 258 5.92 -34.54 -15.25
N LEU A 259 5.74 -33.61 -16.20
CA LEU A 259 4.50 -33.51 -16.95
C LEU A 259 4.32 -34.66 -17.91
N ASP A 260 5.33 -34.92 -18.72
CA ASP A 260 5.28 -36.07 -19.61
C ASP A 260 5.09 -37.39 -18.85
N LYS A 261 5.58 -37.44 -17.61
CA LYS A 261 5.44 -38.63 -16.81
C LYS A 261 4.00 -38.83 -16.33
N TYR A 262 3.48 -37.88 -15.56
CA TYR A 262 2.16 -38.02 -14.92
C TYR A 262 1.03 -37.45 -15.77
N PHE A 263 1.37 -36.73 -16.81
CA PHE A 263 0.33 -36.13 -17.62
C PHE A 263 0.62 -36.21 -19.13
N PRO A 264 0.91 -37.42 -19.65
CA PRO A 264 1.18 -37.61 -21.09
C PRO A 264 0.08 -37.04 -21.99
N SER A 265 0.45 -36.48 -23.13
CA SER A 265 -0.50 -35.72 -23.95
C SER A 265 -1.58 -36.55 -24.60
N ASP A 266 -1.34 -37.85 -24.76
CA ASP A 266 -2.37 -38.75 -25.27
C ASP A 266 -3.56 -38.90 -24.30
N SER A 267 -3.40 -38.41 -23.06
CA SER A 267 -4.47 -38.42 -22.07
C SER A 267 -5.41 -37.24 -22.24
N GLY A 268 -5.19 -36.47 -23.31
CA GLY A 268 -6.00 -35.31 -23.68
C GLY A 268 -6.07 -34.22 -22.62
N VAL A 269 -5.17 -34.26 -21.64
CA VAL A 269 -5.17 -33.23 -20.63
C VAL A 269 -4.79 -31.89 -21.27
N ARG A 270 -5.20 -30.79 -20.62
CA ARG A 270 -4.82 -29.46 -21.05
C ARG A 270 -4.03 -28.84 -19.91
N ILE A 271 -2.83 -28.34 -20.18
CA ILE A 271 -2.04 -27.77 -19.09
C ILE A 271 -1.90 -26.25 -19.20
N ILE A 272 -2.16 -25.56 -18.08
CA ILE A 272 -2.02 -24.11 -18.00
C ILE A 272 -1.17 -23.70 -16.82
N ALA A 273 -0.70 -22.46 -16.85
CA ALA A 273 0.05 -21.90 -15.75
C ALA A 273 -0.40 -20.46 -15.49
N GLU A 274 -0.09 -19.92 -14.32
CA GLU A 274 -0.49 -18.58 -13.98
C GLU A 274 0.74 -17.70 -13.78
N PRO A 275 1.45 -17.35 -14.85
CA PRO A 275 2.63 -16.58 -14.55
C PRO A 275 2.33 -15.09 -14.45
N GLY A 276 2.95 -14.43 -13.50
CA GLY A 276 2.84 -13.00 -13.34
C GLY A 276 4.24 -12.43 -13.44
N ARG A 277 5.02 -12.52 -12.37
CA ARG A 277 6.38 -11.92 -12.39
C ARG A 277 7.19 -12.31 -13.62
N TYR A 278 6.97 -13.51 -14.12
CA TYR A 278 7.75 -13.95 -15.26
C TYR A 278 7.64 -13.01 -16.49
N TYR A 279 6.46 -12.51 -16.80
CA TYR A 279 6.28 -11.66 -17.97
C TYR A 279 6.83 -10.25 -17.84
N VAL A 280 6.69 -9.67 -16.66
CA VAL A 280 6.81 -8.25 -16.49
C VAL A 280 8.00 -7.74 -15.63
N ALA A 281 8.58 -8.60 -14.78
CA ALA A 281 9.58 -8.14 -13.84
C ALA A 281 10.65 -7.23 -14.45
N SER A 282 11.33 -7.76 -15.46
CA SER A 282 12.44 -7.09 -16.07
C SER A 282 11.98 -6.02 -17.05
N ALA A 283 10.77 -6.18 -17.58
CA ALA A 283 10.25 -5.19 -18.52
C ALA A 283 10.24 -3.70 -18.06
N PHE A 284 10.32 -3.46 -16.73
CA PHE A 284 10.18 -2.12 -16.15
C PHE A 284 11.45 -1.65 -15.43
N THR A 285 11.93 -0.45 -15.78
CA THR A 285 12.98 0.19 -15.01
C THR A 285 12.45 1.48 -14.43
N LEU A 286 12.88 1.75 -13.21
CA LEU A 286 12.39 2.86 -12.42
C LEU A 286 13.51 3.88 -12.18
N ALA A 287 13.28 5.09 -12.63
CA ALA A 287 14.24 6.15 -12.38
C ALA A 287 13.63 7.01 -11.32
N VAL A 288 14.33 7.11 -10.20
CA VAL A 288 13.92 7.94 -9.07
C VAL A 288 14.95 9.04 -8.93
N ASN A 289 14.61 10.17 -8.32
CA ASN A 289 15.58 11.24 -8.16
C ASN A 289 16.04 11.52 -6.71
N ILE A 290 17.34 11.49 -6.48
CA ILE A 290 17.86 11.89 -5.17
C ILE A 290 17.41 13.31 -4.86
N ILE A 291 16.57 13.48 -3.86
CA ILE A 291 15.98 14.78 -3.64
C ILE A 291 16.50 15.46 -2.39
N ALA A 292 17.03 14.67 -1.47
CA ALA A 292 17.75 15.25 -0.35
C ALA A 292 18.94 14.37 0.07
N LYS A 293 19.77 14.88 0.97
CA LYS A 293 21.03 14.21 1.30
C LYS A 293 21.47 14.61 2.72
N LYS A 294 22.11 13.67 3.41
CA LYS A 294 22.67 13.99 4.70
C LYS A 294 23.99 13.34 4.80
N ILE A 295 24.91 14.05 5.44
CA ILE A 295 26.28 13.57 5.66
C ILE A 295 26.47 13.22 7.15
N VAL A 296 26.97 12.04 7.44
CA VAL A 296 27.24 11.70 8.84
C VAL A 296 28.69 11.30 9.05
N LEU A 297 29.32 11.90 10.07
CA LEU A 297 30.76 11.75 10.34
C LEU A 297 31.08 10.63 11.32
N GLU A 311 33.54 13.40 5.71
CA GLU A 311 32.28 12.95 5.09
C GLU A 311 32.26 11.42 4.89
N GLN A 312 31.71 10.71 5.88
CA GLN A 312 31.89 9.26 5.99
C GLN A 312 30.79 8.39 5.40
N THR A 313 29.57 8.47 5.95
CA THR A 313 28.43 7.74 5.39
C THR A 313 27.39 8.72 4.89
N PHE A 314 26.69 8.35 3.82
CA PHE A 314 25.62 9.21 3.28
C PHE A 314 24.25 8.60 3.45
N MET A 315 23.31 9.47 3.69
CA MET A 315 21.94 9.08 3.57
C MET A 315 21.38 9.84 2.39
N TYR A 316 20.78 9.14 1.43
CA TYR A 316 20.12 9.79 0.33
C TYR A 316 18.63 9.53 0.35
N TYR A 317 17.87 10.57 0.03
CA TYR A 317 16.41 10.51 -0.06
C TYR A 317 15.93 10.63 -1.51
N VAL A 318 15.30 9.56 -2.00
CA VAL A 318 14.77 9.50 -3.38
C VAL A 318 13.26 9.61 -3.38
N ASN A 319 12.66 9.91 -4.52
CA ASN A 319 11.26 10.32 -4.48
C ASN A 319 10.29 9.21 -4.82
N ASP A 320 10.57 8.04 -4.26
CA ASP A 320 9.65 6.91 -4.28
C ASP A 320 10.01 5.95 -3.15
N GLY A 321 9.00 5.39 -2.49
CA GLY A 321 9.22 4.73 -1.17
C GLY A 321 8.63 3.35 -0.99
N VAL A 322 8.55 2.92 0.26
CA VAL A 322 8.00 1.59 0.56
C VAL A 322 6.50 1.71 0.59
N TYR A 323 5.98 2.95 0.52
CA TYR A 323 4.55 3.20 0.32
C TYR A 323 4.16 3.33 -1.15
N GLY A 324 5.16 3.41 -2.02
CA GLY A 324 4.96 3.48 -3.47
C GLY A 324 5.46 2.24 -4.15
N SER A 325 6.34 2.41 -5.15
CA SER A 325 6.85 1.27 -5.92
C SER A 325 7.60 0.22 -5.11
N PHE A 326 8.33 0.66 -4.08
CA PHE A 326 9.10 -0.28 -3.31
C PHE A 326 8.30 -0.98 -2.25
N ASN A 327 6.96 -0.81 -2.26
CA ASN A 327 6.13 -1.50 -1.27
C ASN A 327 6.48 -2.98 -1.23
N CYS A 328 7.00 -3.45 -2.36
CA CYS A 328 7.40 -4.83 -2.58
C CYS A 328 8.47 -5.31 -1.62
N ILE A 329 9.29 -4.41 -1.09
CA ILE A 329 10.32 -4.88 -0.13
C ILE A 329 9.65 -5.42 1.14
N LEU A 330 8.43 -4.95 1.43
CA LEU A 330 7.55 -5.50 2.48
C LEU A 330 6.67 -6.65 2.00
N TYR A 331 5.74 -6.36 1.09
CA TYR A 331 4.74 -7.34 0.65
C TYR A 331 5.31 -8.49 -0.17
N ASP A 332 6.23 -8.18 -1.09
CA ASP A 332 6.75 -9.22 -1.98
C ASP A 332 8.14 -9.73 -1.61
N HIS A 333 8.74 -9.16 -0.58
CA HIS A 333 10.09 -9.54 -0.13
C HIS A 333 11.13 -9.36 -1.20
N ALA A 334 11.23 -8.15 -1.73
CA ALA A 334 12.16 -7.85 -2.78
C ALA A 334 13.47 -7.40 -2.16
N HIS A 335 14.57 -7.65 -2.87
CA HIS A 335 15.86 -6.97 -2.60
C HIS A 335 16.16 -6.16 -3.84
N VAL A 336 16.34 -4.85 -3.66
CA VAL A 336 16.51 -3.96 -4.80
C VAL A 336 17.96 -3.55 -4.92
N LYS A 337 18.46 -3.45 -6.15
CA LYS A 337 19.85 -3.01 -6.33
C LYS A 337 19.82 -1.64 -7.02
N PRO A 338 20.37 -0.62 -6.35
CA PRO A 338 20.43 0.73 -6.89
C PRO A 338 21.51 0.83 -7.93
N LEU A 339 21.14 1.34 -9.08
CA LEU A 339 22.07 1.53 -10.15
C LEU A 339 22.26 3.00 -10.43
N LEU A 340 23.50 3.33 -10.79
CA LEU A 340 23.90 4.68 -11.18
C LEU A 340 23.47 4.98 -12.61
N GLN A 341 22.71 6.05 -12.81
CA GLN A 341 22.30 6.42 -14.15
C GLN A 341 23.51 7.01 -14.83
N LYS A 342 24.28 7.78 -14.06
CA LYS A 342 25.49 8.41 -14.55
C LYS A 342 26.55 7.32 -14.61
N ARG A 343 27.01 7.02 -15.82
CA ARG A 343 28.12 6.08 -16.01
C ARG A 343 29.23 6.45 -15.00
N PRO A 344 29.65 5.47 -14.16
CA PRO A 344 30.57 5.77 -13.04
C PRO A 344 31.97 6.09 -13.52
N LYS A 345 32.70 6.87 -12.73
CA LYS A 345 34.10 7.17 -13.04
C LYS A 345 35.03 5.99 -12.73
N PRO A 346 36.21 5.91 -13.40
CA PRO A 346 36.95 4.63 -13.55
C PRO A 346 37.61 4.08 -12.27
N ASP A 347 37.02 4.42 -11.12
CA ASP A 347 37.61 4.29 -9.81
C ASP A 347 37.32 5.64 -9.14
N GLU A 348 36.56 5.64 -8.05
CA GLU A 348 35.96 6.90 -7.61
C GLU A 348 35.77 7.10 -6.11
N LYS A 349 36.01 6.06 -5.31
CA LYS A 349 35.80 6.13 -3.85
C LYS A 349 34.30 5.97 -3.51
N TYR A 350 33.96 4.84 -2.93
CA TYR A 350 32.59 4.55 -2.58
C TYR A 350 32.41 4.85 -1.12
N TYR A 351 31.17 5.02 -0.68
CA TYR A 351 30.89 5.20 0.74
C TYR A 351 29.71 4.36 1.13
N SER A 352 29.57 4.14 2.43
CA SER A 352 28.41 3.42 2.91
C SER A 352 27.23 4.38 2.79
N SER A 353 26.21 3.96 2.06
CA SER A 353 25.06 4.82 1.86
C SER A 353 23.81 4.03 2.11
N SER A 354 22.78 4.74 2.56
CA SER A 354 21.45 4.19 2.65
C SER A 354 20.52 5.05 1.81
N ILE A 355 19.55 4.41 1.18
CA ILE A 355 18.55 5.15 0.43
C ILE A 355 17.25 5.14 1.20
N TRP A 356 16.54 6.27 1.16
CA TRP A 356 15.26 6.45 1.82
C TRP A 356 14.14 6.87 0.86
N GLY A 357 12.89 6.59 1.21
CA GLY A 357 11.73 7.10 0.47
C GLY A 357 11.42 8.53 0.89
N PRO A 358 10.40 9.16 0.25
CA PRO A 358 10.15 10.61 0.44
C PRO A 358 9.23 10.98 1.59
N THR A 359 8.60 9.98 2.22
CA THR A 359 7.52 10.21 3.20
C THR A 359 8.04 10.58 4.60
N CYS A 360 7.13 11.13 5.40
CA CYS A 360 7.39 11.45 6.79
C CYS A 360 7.48 10.20 7.64
N ASP A 361 7.48 9.03 7.01
CA ASP A 361 7.52 7.77 7.76
C ASP A 361 8.94 7.38 8.05
N GLY A 362 9.33 7.50 9.31
CA GLY A 362 10.62 7.01 9.76
C GLY A 362 10.97 5.61 9.27
N LEU A 363 9.97 4.77 9.04
CA LEU A 363 10.23 3.43 8.52
C LEU A 363 10.33 3.29 6.97
N ASP A 364 10.22 4.42 6.27
CA ASP A 364 10.20 4.41 4.82
C ASP A 364 11.60 4.46 4.31
N ARG A 365 12.20 3.28 4.18
CA ARG A 365 13.62 3.14 3.91
C ARG A 365 13.87 2.09 2.83
N ILE A 366 14.53 2.46 1.75
CA ILE A 366 14.61 1.54 0.61
C ILE A 366 15.79 0.57 0.67
N VAL A 367 16.98 1.10 0.88
CA VAL A 367 18.16 0.27 1.02
C VAL A 367 18.72 0.65 2.38
N GLU A 368 19.00 -0.37 3.19
CA GLU A 368 19.44 -0.08 4.56
C GLU A 368 20.91 0.24 4.52
N ARG A 369 21.66 -0.55 3.77
CA ARG A 369 23.05 -0.23 3.57
C ARG A 369 23.59 -0.64 2.20
N CYS A 370 24.31 0.24 1.53
CA CYS A 370 24.87 -0.11 0.21
C CYS A 370 26.15 0.67 -0.09
N ASP A 371 26.71 0.44 -1.29
CA ASP A 371 28.00 1.04 -1.66
C ASP A 371 27.99 1.92 -2.89
N LEU A 372 28.19 3.21 -2.63
CA LEU A 372 27.95 4.24 -3.62
C LEU A 372 28.95 5.39 -3.61
N PRO A 373 29.31 5.87 -4.80
CA PRO A 373 29.91 7.19 -5.00
C PRO A 373 29.10 8.25 -4.29
N GLU A 374 29.79 9.31 -3.85
CA GLU A 374 29.10 10.49 -3.33
C GLU A 374 28.24 10.99 -4.47
N MET A 375 26.95 11.11 -4.21
CA MET A 375 26.04 11.53 -5.25
C MET A 375 25.34 12.82 -4.84
N HIS A 376 24.54 13.42 -5.72
CA HIS A 376 24.03 14.76 -5.43
C HIS A 376 22.56 14.95 -5.64
N VAL A 377 22.01 15.94 -4.97
CA VAL A 377 20.59 16.20 -5.16
C VAL A 377 20.41 16.60 -6.63
N GLY A 378 19.57 15.86 -7.35
CA GLY A 378 19.45 16.03 -8.78
C GLY A 378 19.88 14.78 -9.54
N ASP A 379 20.79 14.01 -8.96
CA ASP A 379 21.23 12.75 -9.56
C ASP A 379 20.07 11.76 -9.55
N TRP A 380 20.01 10.91 -10.57
CA TRP A 380 18.97 9.91 -10.65
C TRP A 380 19.56 8.58 -10.36
N MET A 381 18.78 7.74 -9.69
CA MET A 381 19.14 6.37 -9.49
C MET A 381 18.24 5.43 -10.29
N LEU A 382 18.83 4.32 -10.74
CA LEU A 382 18.09 3.37 -11.51
C LEU A 382 17.77 2.11 -10.75
N PHE A 383 16.57 1.58 -10.97
CA PHE A 383 16.18 0.36 -10.34
C PHE A 383 15.68 -0.58 -11.43
N GLU A 384 16.45 -1.63 -11.64
CA GLU A 384 16.16 -2.56 -12.69
C GLU A 384 15.13 -3.56 -12.21
N ASN A 385 14.58 -4.34 -13.14
CA ASN A 385 13.60 -5.37 -12.84
C ASN A 385 12.48 -4.91 -11.89
N MET A 386 11.80 -3.80 -12.17
CA MET A 386 10.76 -3.31 -11.23
C MET A 386 9.32 -3.50 -11.71
N GLY A 387 9.07 -4.52 -12.52
CA GLY A 387 7.74 -4.70 -13.08
C GLY A 387 6.78 -5.36 -12.10
N ALA A 388 7.22 -6.45 -11.45
CA ALA A 388 6.30 -7.28 -10.72
C ALA A 388 5.94 -6.70 -9.37
N TYR A 389 4.66 -6.68 -9.06
CA TYR A 389 4.18 -6.44 -7.69
C TYR A 389 4.77 -5.18 -7.13
N THR A 390 4.85 -4.16 -7.98
CA THR A 390 5.38 -2.87 -7.58
C THR A 390 4.37 -1.77 -7.76
N VAL A 391 4.09 -1.37 -8.98
CA VAL A 391 3.12 -0.29 -9.19
C VAL A 391 1.74 -0.74 -8.74
N ALA A 392 1.48 -2.03 -8.90
CA ALA A 392 0.17 -2.61 -8.63
C ALA A 392 -0.25 -2.54 -7.14
N ALA A 393 0.70 -2.49 -6.23
CA ALA A 393 0.36 -2.36 -4.82
C ALA A 393 0.86 -1.05 -4.20
N ALA A 394 1.14 -0.05 -5.04
CA ALA A 394 1.53 1.28 -4.58
C ALA A 394 0.31 2.10 -4.24
N SER A 395 0.38 2.82 -3.12
CA SER A 395 -0.65 3.76 -2.66
C SER A 395 -0.02 5.15 -2.60
N THR A 396 -0.86 6.18 -2.67
CA THR A 396 -0.37 7.57 -2.71
C THR A 396 -0.35 8.20 -1.31
N PHE A 397 0.11 7.42 -0.34
CA PHE A 397 0.28 7.86 1.03
C PHE A 397 1.16 9.10 1.08
N ASN A 398 0.83 10.00 2.00
CA ASN A 398 1.55 11.26 2.20
C ASN A 398 1.31 12.23 1.03
N GLY A 399 0.44 11.83 0.11
CA GLY A 399 0.14 12.63 -1.06
C GLY A 399 1.11 12.49 -2.23
N PHE A 400 2.03 11.54 -2.16
CA PHE A 400 3.02 11.31 -3.21
C PHE A 400 2.49 10.52 -4.39
N GLN A 401 2.77 11.01 -5.60
CA GLN A 401 2.14 10.48 -6.80
C GLN A 401 2.78 9.22 -7.36
N ARG A 402 1.92 8.33 -7.89
CA ARG A 402 2.40 7.19 -8.64
C ARG A 402 3.28 7.70 -9.77
N PRO A 403 4.48 7.10 -9.92
CA PRO A 403 5.39 7.56 -10.97
C PRO A 403 4.78 7.31 -12.32
N THR A 404 5.11 8.20 -13.25
CA THR A 404 4.58 8.18 -14.60
C THR A 404 5.24 7.07 -15.43
N ILE A 405 4.45 6.32 -16.20
CA ILE A 405 5.01 5.14 -16.94
C ILE A 405 5.16 5.38 -18.44
N TYR A 406 6.37 5.24 -18.97
CA TYR A 406 6.56 5.40 -20.42
C TYR A 406 6.74 4.09 -21.17
N TYR A 407 5.69 3.70 -21.86
CA TYR A 407 5.73 2.50 -22.67
C TYR A 407 6.55 2.67 -23.97
N VAL A 408 7.43 1.71 -24.24
CA VAL A 408 8.23 1.69 -25.47
C VAL A 408 8.28 0.32 -26.14
N MET A 409 8.26 0.34 -27.47
CA MET A 409 8.30 -0.90 -28.22
C MET A 409 9.05 -0.78 -29.55
N SER A 410 10.03 -1.67 -29.74
CA SER A 410 10.86 -1.67 -30.96
C SER A 410 10.09 -2.02 -32.23
N GLY A 411 10.68 -1.71 -33.39
CA GLY A 411 10.19 -2.14 -34.69
C GLY A 411 10.05 -3.65 -34.74
N PRO A 412 11.19 -4.38 -34.56
CA PRO A 412 11.11 -5.83 -34.43
C PRO A 412 9.97 -6.24 -33.49
N ALA A 413 10.01 -5.80 -32.23
CA ALA A 413 8.99 -6.22 -31.27
C ALA A 413 7.56 -6.16 -31.84
N TRP A 414 7.18 -5.04 -32.44
CA TRP A 414 5.82 -4.89 -32.97
C TRP A 414 5.56 -5.85 -34.13
N GLN A 415 6.57 -6.12 -34.97
CA GLN A 415 6.43 -7.14 -36.01
C GLN A 415 5.91 -8.40 -35.32
N LEU A 416 6.70 -8.89 -34.35
CA LEU A 416 6.44 -10.13 -33.60
C LEU A 416 5.09 -10.21 -32.92
N MET A 417 4.61 -9.09 -32.42
CA MET A 417 3.28 -8.97 -31.81
C MET A 417 2.18 -9.14 -32.85
N GLN A 418 2.47 -8.82 -34.11
CA GLN A 418 1.52 -9.05 -35.21
C GLN A 418 1.37 -10.50 -35.57
N GLN A 419 2.50 -11.22 -35.60
CA GLN A 419 2.48 -12.63 -35.96
C GLN A 419 1.57 -13.42 -35.03
N PHE A 420 1.52 -13.02 -33.76
CA PHE A 420 0.66 -13.64 -32.75
C PHE A 420 -0.82 -13.27 -32.87
N GLN A 421 -1.11 -12.10 -33.44
CA GLN A 421 -2.46 -11.48 -33.42
C GLN A 421 -3.63 -12.45 -33.22
N GLU B 7 -21.15 19.90 -1.01
CA GLU B 7 -20.41 18.64 -0.75
C GLU B 7 -20.03 17.92 -2.06
N GLU B 8 -18.94 17.14 -1.98
CA GLU B 8 -18.61 16.09 -2.96
C GLU B 8 -18.40 14.76 -2.20
N PHE B 9 -19.07 14.68 -1.04
CA PHE B 9 -19.02 13.55 -0.11
C PHE B 9 -20.36 13.24 0.60
N ASP B 10 -20.60 11.95 0.83
CA ASP B 10 -21.86 11.42 1.35
C ASP B 10 -22.06 11.77 2.82
N CYS B 11 -22.43 13.02 3.11
CA CYS B 11 -22.62 13.47 4.51
C CYS B 11 -24.06 13.43 5.01
N HIS B 12 -24.33 12.64 6.02
CA HIS B 12 -25.71 12.53 6.53
C HIS B 12 -25.87 12.96 7.96
N PHE B 13 -27.05 13.49 8.27
CA PHE B 13 -27.34 13.96 9.61
C PHE B 13 -28.08 12.91 10.43
N LEU B 14 -27.43 12.40 11.49
CA LEU B 14 -28.08 11.49 12.43
C LEU B 14 -29.31 12.15 13.08
N ASP B 15 -30.43 11.42 13.12
CA ASP B 15 -31.65 11.87 13.82
C ASP B 15 -31.50 11.72 15.31
N GLU B 16 -32.52 12.14 16.07
CA GLU B 16 -32.36 12.32 17.52
C GLU B 16 -31.49 11.27 18.24
N GLY B 17 -32.04 10.09 18.50
CA GLY B 17 -31.32 9.09 19.27
C GLY B 17 -30.36 8.20 18.51
N PHE B 18 -29.96 8.62 17.31
CA PHE B 18 -29.07 7.78 16.51
C PHE B 18 -27.63 8.12 16.78
N THR B 19 -26.82 7.08 16.95
CA THR B 19 -25.37 7.23 17.02
C THR B 19 -24.74 6.68 15.75
N ALA B 20 -23.45 6.92 15.58
CA ALA B 20 -22.72 6.35 14.46
C ALA B 20 -22.93 4.86 14.36
N LYS B 21 -22.73 4.15 15.48
CA LYS B 21 -22.82 2.68 15.49
C LYS B 21 -24.21 2.23 15.12
N ASP B 22 -25.22 3.00 15.49
CA ASP B 22 -26.59 2.70 15.12
C ASP B 22 -26.77 2.78 13.60
N ILE B 23 -26.14 3.74 12.94
CA ILE B 23 -26.23 3.83 11.49
C ILE B 23 -25.55 2.63 10.83
N LEU B 24 -24.37 2.26 11.32
CA LEU B 24 -23.70 1.04 10.86
C LEU B 24 -24.65 -0.17 11.01
N ASP B 25 -25.13 -0.42 12.23
CA ASP B 25 -26.13 -1.47 12.51
C ASP B 25 -27.30 -1.38 11.54
N GLN B 26 -27.73 -0.15 11.26
CA GLN B 26 -28.84 0.07 10.34
C GLN B 26 -28.43 -0.29 8.93
N LYS B 27 -27.33 0.26 8.44
CA LYS B 27 -26.92 0.02 7.07
C LYS B 27 -26.63 -1.45 6.74
N ILE B 28 -26.09 -2.22 7.69
CA ILE B 28 -25.86 -3.63 7.42
C ILE B 28 -27.19 -4.38 7.34
N ASN B 29 -28.16 -3.97 8.15
CA ASN B 29 -29.50 -4.58 8.11
C ASN B 29 -30.30 -4.25 6.87
N GLU B 30 -30.10 -3.05 6.32
CA GLU B 30 -30.81 -2.62 5.11
C GLU B 30 -30.25 -3.31 3.84
N VAL B 31 -29.19 -4.08 3.99
CA VAL B 31 -28.59 -4.85 2.89
C VAL B 31 -28.48 -6.28 3.35
N SER B 32 -29.60 -6.98 3.40
CA SER B 32 -29.57 -8.39 3.79
C SER B 32 -30.26 -9.27 2.75
N SER B 33 -31.05 -8.64 1.88
CA SER B 33 -31.67 -9.29 0.73
C SER B 33 -30.63 -9.50 -0.38
N SER B 34 -31.00 -9.15 -1.62
CA SER B 34 -30.09 -9.12 -2.76
C SER B 34 -28.77 -8.50 -2.26
N ASP B 35 -27.80 -9.37 -1.95
CA ASP B 35 -26.59 -9.00 -1.19
C ASP B 35 -25.74 -7.82 -1.75
N ASP B 36 -24.53 -8.11 -2.22
CA ASP B 36 -23.57 -7.06 -2.47
C ASP B 36 -23.25 -6.48 -1.09
N LYS B 37 -22.38 -7.20 -0.39
CA LYS B 37 -21.97 -6.91 0.97
C LYS B 37 -20.51 -6.45 1.00
N ASP B 38 -20.29 -5.26 0.43
CA ASP B 38 -18.96 -4.68 0.38
C ASP B 38 -18.66 -3.96 1.68
N ALA B 39 -17.41 -4.06 2.13
CA ALA B 39 -16.93 -3.36 3.31
C ALA B 39 -17.15 -1.86 3.18
N PHE B 40 -17.44 -1.21 4.30
CA PHE B 40 -17.73 0.21 4.30
C PHE B 40 -17.33 0.83 5.60
N TYR B 41 -17.00 2.11 5.56
CA TYR B 41 -16.69 2.83 6.78
C TYR B 41 -17.86 3.69 7.26
N VAL B 42 -17.97 3.86 8.58
CA VAL B 42 -18.84 4.89 9.15
C VAL B 42 -18.00 5.89 9.95
N ALA B 43 -17.89 7.08 9.36
CA ALA B 43 -17.03 8.12 9.84
C ALA B 43 -17.91 9.10 10.57
N ASP B 44 -17.80 9.12 11.90
CA ASP B 44 -18.56 10.06 12.72
C ASP B 44 -17.78 11.36 12.86
N LEU B 45 -18.24 12.39 12.16
CA LEU B 45 -17.54 13.66 12.13
C LEU B 45 -17.73 14.37 13.43
N GLY B 46 -18.78 13.97 14.17
CA GLY B 46 -19.05 14.48 15.49
C GLY B 46 -17.94 14.07 16.44
N ASP B 47 -17.50 12.83 16.32
CA ASP B 47 -16.36 12.35 17.08
C ASP B 47 -15.11 13.22 16.90
N ILE B 48 -14.92 13.73 15.69
CA ILE B 48 -13.80 14.60 15.39
C ILE B 48 -13.89 15.91 16.16
N LEU B 49 -15.06 16.54 16.07
CA LEU B 49 -15.36 17.75 16.86
C LEU B 49 -15.06 17.55 18.35
N LYS B 50 -15.73 16.57 18.97
CA LYS B 50 -15.43 16.16 20.34
C LYS B 50 -13.95 16.23 20.65
N LYS B 51 -13.13 15.65 19.77
CA LYS B 51 -11.68 15.59 19.91
C LYS B 51 -10.99 16.98 19.89
N HIS B 52 -11.43 17.85 18.99
CA HIS B 52 -10.87 19.19 18.91
C HIS B 52 -11.22 20.00 20.12
N LEU B 53 -12.43 19.78 20.61
CA LEU B 53 -12.97 20.47 21.79
C LEU B 53 -12.15 20.06 23.00
N ARG B 54 -11.98 18.75 23.12
CA ARG B 54 -11.19 18.16 24.18
C ARG B 54 -9.72 18.56 24.03
N TRP B 55 -9.26 18.84 22.82
CA TRP B 55 -7.87 19.30 22.62
C TRP B 55 -7.75 20.72 23.13
N LEU B 56 -8.77 21.54 22.91
CA LEU B 56 -8.74 22.89 23.42
C LEU B 56 -8.63 22.93 24.94
N LYS B 57 -9.38 22.06 25.63
CA LYS B 57 -9.34 21.97 27.09
C LYS B 57 -7.98 21.50 27.64
N ALA B 58 -7.31 20.62 26.92
CA ALA B 58 -6.16 19.90 27.47
C ALA B 58 -4.85 20.64 27.27
N LEU B 59 -4.63 21.12 26.05
CA LEU B 59 -3.47 21.91 25.72
C LEU B 59 -4.00 23.28 25.26
N PRO B 60 -4.31 24.16 26.24
CA PRO B 60 -4.97 25.40 25.83
C PRO B 60 -3.97 26.40 25.21
N ARG B 61 -2.68 26.22 25.48
CA ARG B 61 -1.61 26.99 24.85
C ARG B 61 -1.31 26.58 23.40
N VAL B 62 -1.60 25.33 23.04
CA VAL B 62 -1.07 24.69 21.84
C VAL B 62 -2.07 24.65 20.69
N THR B 63 -1.77 25.35 19.60
CA THR B 63 -2.56 25.33 18.37
C THR B 63 -2.39 24.00 17.56
N PRO B 64 -3.51 23.31 17.23
CA PRO B 64 -3.32 22.01 16.61
C PRO B 64 -3.28 22.12 15.08
N PHE B 65 -2.25 21.52 14.50
CA PHE B 65 -2.06 21.55 13.05
C PHE B 65 -2.19 20.14 12.54
N TYR B 66 -3.39 19.78 12.08
CA TYR B 66 -3.72 18.42 11.73
C TYR B 66 -2.78 17.83 10.71
N ALA B 67 -2.25 16.64 10.98
CA ALA B 67 -1.39 15.97 10.00
C ALA B 67 -2.22 15.36 8.88
N VAL B 68 -2.40 16.14 7.83
CA VAL B 68 -3.18 15.67 6.71
C VAL B 68 -2.81 14.24 6.33
N LYS B 69 -1.50 13.94 6.21
CA LYS B 69 -1.00 12.63 5.80
C LYS B 69 -1.80 11.43 6.36
N CYS B 70 -2.15 11.53 7.65
CA CYS B 70 -2.79 10.48 8.41
C CYS B 70 -4.18 10.04 7.91
N ASN B 71 -5.05 10.98 7.57
CA ASN B 71 -6.30 10.64 6.93
C ASN B 71 -6.66 11.82 6.05
N ASP B 72 -6.29 11.72 4.79
CA ASP B 72 -6.42 12.78 3.81
C ASP B 72 -7.84 12.99 3.28
N SER B 73 -8.86 12.41 3.92
CA SER B 73 -10.20 12.51 3.35
C SER B 73 -10.69 13.94 3.27
N LYS B 74 -11.44 14.25 2.22
CA LYS B 74 -11.86 15.64 2.01
C LYS B 74 -12.82 16.14 3.11
N ALA B 75 -13.68 15.25 3.60
CA ALA B 75 -14.62 15.61 4.65
C ALA B 75 -13.90 15.90 5.95
N ILE B 76 -12.83 15.15 6.23
CA ILE B 76 -12.08 15.32 7.49
C ILE B 76 -11.40 16.68 7.48
N VAL B 77 -10.74 16.98 6.36
CA VAL B 77 -10.08 18.25 6.21
C VAL B 77 -11.07 19.39 6.30
N LYS B 78 -12.15 19.34 5.51
CA LYS B 78 -13.17 20.40 5.52
C LYS B 78 -13.80 20.63 6.91
N THR B 79 -14.15 19.55 7.61
CA THR B 79 -14.65 19.65 8.95
C THR B 79 -13.62 20.34 9.85
N LEU B 80 -12.37 19.91 9.77
CA LEU B 80 -11.36 20.50 10.64
C LEU B 80 -11.09 21.94 10.28
N ALA B 81 -11.08 22.22 8.99
CA ALA B 81 -10.82 23.57 8.51
C ALA B 81 -11.89 24.42 9.15
N ALA B 82 -13.15 24.07 8.93
CA ALA B 82 -14.27 24.79 9.52
C ALA B 82 -14.05 25.09 11.01
N THR B 83 -13.37 24.20 11.72
CA THR B 83 -13.13 24.38 13.15
C THR B 83 -12.03 25.38 13.45
N GLY B 84 -11.12 25.59 12.52
CA GLY B 84 -10.02 26.53 12.75
C GLY B 84 -8.69 25.89 13.18
N THR B 85 -8.54 24.61 12.92
CA THR B 85 -7.24 24.00 13.10
C THR B 85 -6.31 24.49 12.03
N GLY B 86 -5.02 24.34 12.29
CA GLY B 86 -4.02 24.48 11.25
C GLY B 86 -3.84 23.12 10.60
N PHE B 87 -2.99 23.05 9.58
CA PHE B 87 -2.74 21.80 8.87
C PHE B 87 -1.26 21.53 8.64
N ASP B 88 -0.89 20.26 8.75
CA ASP B 88 0.46 19.81 8.50
C ASP B 88 0.55 19.08 7.16
N CYS B 89 1.06 19.76 6.13
CA CYS B 89 1.24 19.12 4.81
C CYS B 89 2.69 18.72 4.54
N ALA B 90 2.86 17.60 3.83
CA ALA B 90 4.21 17.10 3.55
C ALA B 90 4.49 16.97 2.05
N SER B 91 3.47 17.26 1.24
CA SER B 91 3.68 17.30 -0.18
C SER B 91 2.86 18.41 -0.80
N LYS B 92 3.30 18.80 -1.99
CA LYS B 92 2.55 19.63 -2.89
C LYS B 92 1.09 19.20 -2.87
N THR B 93 0.81 17.91 -2.96
CA THR B 93 -0.57 17.48 -3.18
C THR B 93 -1.39 17.67 -1.92
N GLU B 94 -0.73 17.51 -0.76
CA GLU B 94 -1.40 17.83 0.51
C GLU B 94 -1.73 19.33 0.66
N ILE B 95 -0.77 20.19 0.31
CA ILE B 95 -0.97 21.63 0.22
C ILE B 95 -2.11 21.95 -0.72
N GLN B 96 -2.16 21.33 -1.88
CA GLN B 96 -3.23 21.68 -2.82
C GLN B 96 -4.60 21.38 -2.22
N LEU B 97 -4.74 20.21 -1.62
CA LEU B 97 -6.01 19.77 -1.09
C LEU B 97 -6.51 20.80 -0.10
N VAL B 98 -5.67 21.01 0.91
CA VAL B 98 -5.96 22.01 1.92
C VAL B 98 -6.43 23.35 1.28
N GLN B 99 -5.66 23.87 0.31
CA GLN B 99 -5.98 25.16 -0.30
C GLN B 99 -7.26 25.11 -1.11
N SER B 100 -7.51 23.96 -1.71
CA SER B 100 -8.70 23.81 -2.50
C SER B 100 -9.92 23.83 -1.61
N LEU B 101 -9.72 23.90 -0.31
CA LEU B 101 -10.84 24.00 0.63
C LEU B 101 -10.83 25.36 1.29
N GLY B 102 -10.08 26.29 0.71
CA GLY B 102 -10.17 27.71 1.08
C GLY B 102 -9.39 28.09 2.32
N VAL B 103 -8.69 27.11 2.91
CA VAL B 103 -7.76 27.34 4.02
C VAL B 103 -6.61 28.26 3.59
N PRO B 104 -6.54 29.47 4.17
CA PRO B 104 -5.41 30.31 3.82
C PRO B 104 -4.06 29.69 4.25
N PRO B 105 -2.98 30.01 3.51
CA PRO B 105 -1.63 29.48 3.74
C PRO B 105 -1.04 29.73 5.16
N GLU B 106 -1.38 30.86 5.78
CA GLU B 106 -0.94 31.11 7.14
C GLU B 106 -1.28 29.95 8.06
N ARG B 107 -2.28 29.14 7.66
CA ARG B 107 -2.76 28.01 8.46
C ARG B 107 -2.14 26.65 8.04
N ILE B 108 -1.02 26.71 7.32
CA ILE B 108 -0.39 25.50 6.79
C ILE B 108 1.06 25.49 7.23
N ILE B 109 1.55 24.36 7.76
CA ILE B 109 3.00 24.16 7.89
C ILE B 109 3.55 22.95 7.05
N TYR B 110 4.40 23.26 6.09
CA TYR B 110 5.03 22.25 5.24
C TYR B 110 6.06 21.54 6.09
N ALA B 111 5.65 20.50 6.79
CA ALA B 111 6.49 19.91 7.83
C ALA B 111 7.49 18.85 7.37
N ASN B 112 7.40 18.41 6.12
CA ASN B 112 8.32 17.42 5.60
C ASN B 112 9.75 17.96 5.53
N PRO B 113 10.68 17.44 6.37
CA PRO B 113 12.04 17.98 6.51
C PRO B 113 12.96 17.77 5.30
N CYS B 114 12.56 16.91 4.37
CA CYS B 114 13.33 16.72 3.16
C CYS B 114 12.43 16.85 1.95
N LYS B 115 12.30 18.07 1.45
CA LYS B 115 11.34 18.33 0.42
C LYS B 115 12.01 18.27 -0.92
N GLN B 116 11.29 17.78 -1.92
CA GLN B 116 11.77 17.81 -3.31
C GLN B 116 11.67 19.24 -3.78
N VAL B 117 12.74 19.73 -4.38
CA VAL B 117 12.90 21.13 -4.83
C VAL B 117 11.75 21.75 -5.60
N SER B 118 11.09 20.98 -6.45
CA SER B 118 9.95 21.51 -7.22
C SER B 118 8.75 21.76 -6.32
N GLN B 119 8.67 20.99 -5.25
CA GLN B 119 7.55 21.13 -4.32
C GLN B 119 7.79 22.28 -3.36
N ILE B 120 9.04 22.50 -2.98
CA ILE B 120 9.43 23.72 -2.33
C ILE B 120 8.98 24.89 -3.21
N LYS B 121 9.33 24.81 -4.49
CA LYS B 121 8.96 25.83 -5.45
C LYS B 121 7.45 26.00 -5.50
N TYR B 122 6.72 24.88 -5.46
CA TYR B 122 5.28 25.01 -5.46
C TYR B 122 4.81 25.83 -4.24
N ALA B 123 5.30 25.39 -3.08
CA ALA B 123 4.97 26.01 -1.80
C ALA B 123 5.31 27.49 -1.82
N ALA B 124 6.50 27.80 -2.35
CA ALA B 124 6.94 29.18 -2.50
C ALA B 124 6.03 30.00 -3.44
N ASN B 125 5.53 29.42 -4.52
CA ASN B 125 4.66 30.19 -5.38
C ASN B 125 3.21 30.19 -4.92
N ASN B 126 2.98 29.74 -3.70
CA ASN B 126 1.61 29.66 -3.19
C ASN B 126 1.38 30.25 -1.80
N GLY B 127 2.40 30.94 -1.29
CA GLY B 127 2.29 31.64 -0.01
C GLY B 127 2.54 30.85 1.26
N VAL B 128 3.14 29.66 1.12
CA VAL B 128 3.41 28.80 2.29
C VAL B 128 4.81 29.04 2.84
N GLN B 129 4.93 29.80 3.93
CA GLN B 129 6.24 30.32 4.36
C GLN B 129 6.97 29.45 5.39
N MET B 130 6.20 28.67 6.15
CA MET B 130 6.76 27.87 7.24
C MET B 130 7.07 26.44 6.79
N MET B 131 8.34 26.10 6.83
CA MET B 131 8.75 24.76 6.50
C MET B 131 9.67 24.29 7.56
N THR B 132 10.12 23.06 7.39
CA THR B 132 10.86 22.35 8.40
C THR B 132 12.18 21.92 7.74
N PHE B 133 13.23 21.73 8.52
CA PHE B 133 14.45 21.25 7.94
C PHE B 133 15.27 20.61 9.02
N ASP B 134 16.31 19.85 8.62
CA ASP B 134 17.29 19.30 9.56
C ASP B 134 18.60 18.87 8.90
N SER B 135 18.85 19.34 7.68
CA SER B 135 20.13 19.07 7.00
C SER B 135 20.70 20.31 6.30
N GLU B 136 22.03 20.42 6.29
CA GLU B 136 22.65 21.58 5.67
C GLU B 136 22.24 21.69 4.19
N VAL B 137 22.20 20.53 3.51
CA VAL B 137 21.70 20.49 2.12
C VAL B 137 20.27 21.05 1.99
N GLU B 138 19.42 20.69 2.97
CA GLU B 138 18.06 21.20 3.00
C GLU B 138 18.08 22.72 2.88
N LEU B 139 18.87 23.34 3.76
CA LEU B 139 19.06 24.78 3.77
C LEU B 139 19.45 25.31 2.39
N MET B 140 20.48 24.68 1.78
CA MET B 140 20.95 25.13 0.48
C MET B 140 19.78 25.15 -0.47
N LYS B 141 19.00 24.08 -0.46
CA LYS B 141 17.78 24.04 -1.25
C LYS B 141 16.92 25.28 -1.02
N VAL B 142 16.77 25.65 0.26
CA VAL B 142 15.80 26.66 0.65
C VAL B 142 16.25 28.03 0.22
N ALA B 143 17.57 28.24 0.34
CA ALA B 143 18.23 29.45 -0.17
C ALA B 143 17.87 29.68 -1.66
N ARG B 144 18.27 28.72 -2.50
CA ARG B 144 17.88 28.72 -3.92
C ARG B 144 16.36 28.82 -4.14
N ALA B 145 15.54 28.08 -3.42
CA ALA B 145 14.15 27.95 -3.89
C ALA B 145 13.07 28.80 -3.19
N HIS B 146 13.34 29.21 -1.95
CA HIS B 146 12.33 29.84 -1.12
C HIS B 146 13.05 30.65 -0.03
N PRO B 147 13.87 31.64 -0.44
CA PRO B 147 14.78 32.32 0.52
C PRO B 147 14.04 33.10 1.62
N LYS B 148 12.81 33.53 1.34
CA LYS B 148 11.99 34.27 2.32
C LYS B 148 11.29 33.37 3.38
N ALA B 149 11.38 32.06 3.20
CA ALA B 149 10.76 31.05 4.07
C ALA B 149 11.10 31.14 5.57
N LYS B 150 10.14 30.72 6.40
CA LYS B 150 10.36 30.71 7.83
C LYS B 150 10.66 29.29 8.22
N LEU B 151 11.90 29.00 8.59
CA LEU B 151 12.27 27.63 8.87
C LEU B 151 12.08 27.20 10.32
N VAL B 152 11.51 26.00 10.47
CA VAL B 152 11.51 25.33 11.74
C VAL B 152 12.51 24.19 11.74
N LEU B 153 13.48 24.25 12.66
CA LEU B 153 14.55 23.26 12.80
C LEU B 153 13.98 22.08 13.54
N ARG B 154 14.01 20.92 12.93
CA ARG B 154 13.51 19.71 13.56
C ARG B 154 14.60 18.93 14.30
N ILE B 155 14.47 18.85 15.63
CA ILE B 155 15.47 18.16 16.46
C ILE B 155 15.18 16.67 16.67
N ALA B 156 16.20 15.95 17.14
CA ALA B 156 16.10 14.52 17.43
C ALA B 156 15.54 14.27 18.83
N THR B 157 14.95 13.08 19.02
CA THR B 157 14.35 12.63 20.30
C THR B 157 14.67 11.15 20.51
N VAL B 168 17.88 6.76 12.71
CA VAL B 168 16.61 7.47 12.61
C VAL B 168 16.63 8.45 11.43
N LYS B 169 15.51 8.47 10.71
CA LYS B 169 15.34 9.17 9.43
C LYS B 169 15.36 10.70 9.55
N PHE B 170 14.71 11.24 10.58
CA PHE B 170 14.71 12.69 10.80
C PHE B 170 15.15 13.06 12.22
N GLY B 171 15.58 14.32 12.39
CA GLY B 171 15.95 14.90 13.69
C GLY B 171 17.43 15.28 13.83
N ALA B 172 17.73 16.58 13.76
CA ALA B 172 19.09 17.07 13.97
C ALA B 172 19.41 16.99 15.45
N THR B 173 20.61 16.49 15.78
CA THR B 173 21.04 16.44 17.17
C THR B 173 21.45 17.85 17.58
N LEU B 174 21.84 18.02 18.85
CA LEU B 174 22.19 19.36 19.36
C LEU B 174 23.50 19.90 18.79
N ARG B 175 24.48 19.01 18.54
CA ARG B 175 25.68 19.39 17.78
C ARG B 175 25.33 19.89 16.38
N THR B 176 24.53 19.11 15.65
CA THR B 176 24.09 19.52 14.31
C THR B 176 23.31 20.83 14.39
N SER B 177 22.49 20.96 15.41
CA SER B 177 21.61 22.14 15.52
C SER B 177 22.43 23.41 15.65
N ARG B 178 23.52 23.35 16.45
CA ARG B 178 24.50 24.46 16.57
C ARG B 178 25.09 24.83 15.21
N LEU B 179 25.60 23.80 14.49
CA LEU B 179 26.16 23.97 13.12
C LEU B 179 25.12 24.42 12.09
N LEU B 180 23.86 24.04 12.25
CA LEU B 180 22.83 24.36 11.26
C LEU B 180 22.48 25.80 11.36
N LEU B 181 22.41 26.29 12.60
CA LEU B 181 22.02 27.66 12.84
C LEU B 181 23.04 28.62 12.29
N GLU B 182 24.32 28.24 12.48
CA GLU B 182 25.44 28.97 11.92
C GLU B 182 25.39 29.03 10.39
N ARG B 183 25.27 27.85 9.77
CA ARG B 183 25.15 27.73 8.33
C ARG B 183 23.89 28.43 7.77
N ALA B 184 22.87 28.60 8.59
CA ALA B 184 21.62 29.29 8.20
C ALA B 184 21.78 30.79 8.32
N LYS B 185 22.77 31.19 9.11
CA LYS B 185 23.10 32.60 9.29
C LYS B 185 23.83 33.08 8.07
N GLU B 186 24.91 32.38 7.71
CA GLU B 186 25.75 32.77 6.57
C GLU B 186 24.94 32.78 5.29
N LEU B 187 23.82 32.06 5.34
CA LEU B 187 22.88 31.93 4.21
C LEU B 187 21.77 32.96 4.20
N ASN B 188 21.62 33.71 5.30
CA ASN B 188 20.51 34.63 5.46
C ASN B 188 19.17 33.97 5.18
N ILE B 189 18.93 32.90 5.92
CA ILE B 189 17.61 32.28 6.01
C ILE B 189 17.13 32.46 7.44
N ASP B 190 15.84 32.79 7.58
CA ASP B 190 15.29 33.02 8.90
C ASP B 190 14.93 31.68 9.53
N VAL B 191 15.44 31.41 10.73
CA VAL B 191 14.91 30.32 11.52
C VAL B 191 14.02 30.87 12.65
N VAL B 192 12.72 30.70 12.48
CA VAL B 192 11.73 31.10 13.48
C VAL B 192 11.52 30.10 14.64
N GLY B 193 12.08 28.90 14.57
CA GLY B 193 11.95 28.01 15.71
C GLY B 193 12.27 26.53 15.62
N VAL B 194 11.74 25.77 16.57
CA VAL B 194 12.11 24.38 16.69
C VAL B 194 10.89 23.49 16.64
N SER B 195 11.10 22.27 16.16
CA SER B 195 10.10 21.17 16.18
C SER B 195 10.78 19.86 16.56
N PHE B 196 10.07 19.03 17.29
CA PHE B 196 10.49 17.67 17.53
C PHE B 196 9.28 16.75 17.32
N HIS B 197 9.56 15.46 17.11
CA HIS B 197 8.48 14.47 17.00
C HIS B 197 8.77 13.24 17.87
N VAL B 198 7.92 13.05 18.87
CA VAL B 198 8.03 11.94 19.83
C VAL B 198 7.76 10.57 19.20
N GLY B 199 6.66 10.45 18.43
CA GLY B 199 6.29 9.18 17.76
C GLY B 199 5.17 8.45 18.51
N SER B 200 4.35 7.70 17.77
CA SER B 200 3.18 7.03 18.36
C SER B 200 3.53 5.87 19.33
N GLY B 201 4.63 5.16 19.05
CA GLY B 201 5.17 4.13 19.96
C GLY B 201 5.86 4.74 21.18
N CYS B 202 5.26 5.86 21.66
CA CYS B 202 5.70 6.64 22.83
C CYS B 202 5.15 6.08 24.13
N THR B 203 6.02 5.46 24.90
CA THR B 203 5.58 4.86 26.15
C THR B 203 5.69 5.86 27.31
N ASP B 204 6.87 6.45 27.47
CA ASP B 204 7.15 7.41 28.54
C ASP B 204 6.61 8.81 28.16
N PRO B 205 5.85 9.48 29.06
CA PRO B 205 5.52 10.89 28.90
C PRO B 205 6.75 11.78 29.04
N GLU B 206 7.74 11.30 29.81
CA GLU B 206 9.01 12.00 30.01
C GLU B 206 9.61 12.51 28.73
N THR B 207 9.48 11.74 27.66
CA THR B 207 10.08 12.03 26.35
C THR B 207 9.73 13.45 25.87
N PHE B 208 8.48 13.85 26.12
CA PHE B 208 8.04 15.20 25.81
C PHE B 208 8.90 16.21 26.55
N VAL B 209 9.00 16.06 27.87
CA VAL B 209 9.70 16.96 28.77
C VAL B 209 11.15 17.14 28.35
N GLN B 210 11.81 16.00 28.18
CA GLN B 210 13.14 15.94 27.61
C GLN B 210 13.25 16.78 26.35
N ALA B 211 12.31 16.58 25.41
CA ALA B 211 12.37 17.16 24.06
C ALA B 211 12.07 18.65 24.07
N ILE B 212 11.21 19.06 24.98
CA ILE B 212 10.91 20.49 25.17
C ILE B 212 12.13 21.16 25.77
N SER B 213 12.76 20.43 26.68
CA SER B 213 14.01 20.85 27.33
C SER B 213 15.10 21.05 26.29
N ASP B 214 15.21 20.11 25.35
CA ASP B 214 16.19 20.26 24.26
C ASP B 214 15.79 21.45 23.36
N ALA B 215 14.49 21.59 23.10
CA ALA B 215 14.04 22.64 22.21
C ALA B 215 14.32 24.00 22.82
N ARG B 216 14.16 24.09 24.15
CA ARG B 216 14.48 25.32 24.88
C ARG B 216 15.95 25.64 24.69
N CYS B 217 16.75 24.59 24.75
CA CYS B 217 18.16 24.76 24.55
C CYS B 217 18.45 25.33 23.15
N VAL B 218 17.87 24.77 22.10
CA VAL B 218 18.10 25.29 20.73
C VAL B 218 17.61 26.72 20.62
N PHE B 219 16.53 27.09 21.29
CA PHE B 219 16.07 28.47 21.25
C PHE B 219 17.19 29.38 21.80
N ASP B 220 17.89 28.89 22.83
CA ASP B 220 18.99 29.62 23.44
C ASP B 220 20.16 29.66 22.47
N MET B 221 20.65 28.49 22.09
CA MET B 221 21.62 28.38 21.00
C MET B 221 21.30 29.40 19.88
N GLY B 222 20.03 29.51 19.51
CA GLY B 222 19.65 30.30 18.36
C GLY B 222 19.72 31.79 18.58
N ALA B 223 19.39 32.21 19.82
CA ALA B 223 19.45 33.62 20.19
C ALA B 223 20.91 34.07 20.29
N GLU B 224 21.78 33.18 20.80
CA GLU B 224 23.22 33.41 20.84
C GLU B 224 23.72 33.92 19.51
N VAL B 225 23.19 33.42 18.42
CA VAL B 225 23.63 33.89 17.11
C VAL B 225 22.58 34.79 16.45
N GLY B 226 21.72 35.34 17.28
CA GLY B 226 20.83 36.40 16.86
C GLY B 226 19.65 35.91 16.06
N PHE B 227 19.12 34.76 16.44
CA PHE B 227 17.85 34.35 15.92
C PHE B 227 16.73 34.65 16.93
N SER B 228 15.75 35.37 16.42
CA SER B 228 14.61 35.85 17.18
C SER B 228 13.46 34.85 17.09
N MET B 229 13.66 33.69 17.71
CA MET B 229 12.81 32.53 17.44
C MET B 229 11.56 32.58 18.26
N TYR B 230 10.41 32.36 17.62
CA TYR B 230 9.13 32.43 18.31
C TYR B 230 8.23 31.21 18.21
N LEU B 231 8.73 30.10 17.66
CA LEU B 231 7.86 28.96 17.39
C LEU B 231 8.38 27.63 17.90
N LEU B 232 7.53 26.99 18.71
CA LEU B 232 7.80 25.61 19.14
C LEU B 232 6.68 24.70 18.64
N ASP B 233 7.09 23.65 17.91
CA ASP B 233 6.19 22.68 17.31
C ASP B 233 6.46 21.35 18.00
N ILE B 234 5.47 20.84 18.74
CA ILE B 234 5.73 19.64 19.57
C ILE B 234 5.43 18.28 18.92
N GLY B 235 5.08 18.28 17.65
CA GLY B 235 4.92 17.07 16.89
C GLY B 235 3.57 16.51 17.19
N GLY B 236 3.43 15.22 17.01
CA GLY B 236 2.21 14.54 17.31
C GLY B 236 2.59 13.32 18.11
N GLY B 237 1.86 12.22 17.91
CA GLY B 237 2.06 10.96 18.65
C GLY B 237 1.06 10.85 19.79
N PHE B 238 0.02 11.67 19.75
CA PHE B 238 -1.01 11.58 20.75
C PHE B 238 -1.97 10.48 20.34
N PRO B 239 -2.50 9.73 21.33
CA PRO B 239 -3.32 8.57 21.03
C PRO B 239 -4.67 8.99 20.58
N GLY B 240 -5.30 8.16 19.75
CA GLY B 240 -6.60 8.49 19.20
C GLY B 240 -7.76 7.70 19.76
N SER B 241 -7.49 6.90 20.77
CA SER B 241 -8.54 6.11 21.37
C SER B 241 -8.29 5.85 22.86
N GLU B 242 -9.38 5.51 23.56
CA GLU B 242 -9.32 5.26 24.99
C GLU B 242 -8.68 3.93 25.29
N ASP B 243 -8.53 3.17 24.22
CA ASP B 243 -8.15 1.77 24.29
C ASP B 243 -6.63 1.65 24.18
N VAL B 244 -5.92 2.54 24.87
CA VAL B 244 -4.48 2.46 24.94
C VAL B 244 -4.13 2.61 26.40
N LYS B 245 -2.90 2.28 26.77
CA LYS B 245 -2.55 2.32 28.18
C LYS B 245 -2.22 3.74 28.65
N LEU B 246 -1.31 4.42 27.97
CA LEU B 246 -1.02 5.83 28.22
C LEU B 246 -2.04 6.75 27.51
N LYS B 247 -2.91 7.38 28.28
CA LYS B 247 -4.05 8.11 27.71
C LYS B 247 -3.72 9.56 27.37
N PHE B 248 -4.56 10.17 26.54
CA PHE B 248 -4.30 11.53 26.05
C PHE B 248 -3.94 12.49 27.16
N GLU B 249 -4.88 12.69 28.08
CA GLU B 249 -4.78 13.74 29.10
C GLU B 249 -3.60 13.54 30.02
N GLU B 250 -3.30 12.27 30.30
CA GLU B 250 -2.14 11.91 31.07
C GLU B 250 -0.88 12.54 30.49
N ILE B 251 -0.70 12.41 29.17
CA ILE B 251 0.40 13.07 28.44
C ILE B 251 0.35 14.60 28.55
N THR B 252 -0.84 15.18 28.50
CA THR B 252 -0.95 16.63 28.65
C THR B 252 -0.65 17.09 30.09
N GLY B 253 -0.77 16.16 31.04
CA GLY B 253 -0.43 16.43 32.41
C GLY B 253 1.05 16.76 32.57
N VAL B 254 1.90 16.04 31.84
CA VAL B 254 3.35 16.21 31.91
C VAL B 254 3.90 17.24 30.88
N ILE B 255 3.02 17.81 30.06
CA ILE B 255 3.41 18.74 29.01
C ILE B 255 3.18 20.17 29.46
N ASN B 256 1.96 20.46 29.89
CA ASN B 256 1.66 21.79 30.43
C ASN B 256 2.69 22.36 31.44
N PRO B 257 3.09 21.58 32.46
CA PRO B 257 4.27 21.91 33.27
C PRO B 257 5.53 22.20 32.43
N ALA B 258 5.95 21.20 31.66
CA ALA B 258 7.19 21.31 30.90
C ALA B 258 7.18 22.58 30.07
N LEU B 259 6.03 22.85 29.44
CA LEU B 259 5.87 24.05 28.63
C LEU B 259 5.98 25.28 29.50
N ASP B 260 5.16 25.35 30.55
CA ASP B 260 5.19 26.51 31.40
C ASP B 260 6.57 26.72 32.00
N LYS B 261 7.32 25.65 32.18
CA LYS B 261 8.67 25.78 32.70
C LYS B 261 9.62 26.38 31.64
N TYR B 262 9.86 25.67 30.54
CA TYR B 262 10.83 26.15 29.53
C TYR B 262 10.28 27.17 28.50
N PHE B 263 8.97 27.32 28.40
CA PHE B 263 8.41 28.19 27.39
C PHE B 263 7.27 29.06 27.95
N PRO B 264 7.50 29.76 29.07
CA PRO B 264 6.43 30.61 29.67
C PRO B 264 5.84 31.60 28.66
N SER B 265 4.55 31.87 28.75
CA SER B 265 3.85 32.62 27.69
C SER B 265 4.20 34.10 27.58
N ASP B 266 4.73 34.67 28.66
CA ASP B 266 5.24 36.06 28.63
C ASP B 266 6.46 36.19 27.68
N SER B 267 7.07 35.06 27.33
CA SER B 267 8.15 35.01 26.32
C SER B 267 7.59 35.10 24.89
N GLY B 268 6.28 35.33 24.79
CA GLY B 268 5.61 35.55 23.51
C GLY B 268 5.77 34.44 22.51
N VAL B 269 6.27 33.28 22.97
CA VAL B 269 6.33 32.10 22.14
C VAL B 269 4.94 31.67 21.66
N ARG B 270 4.92 30.98 20.53
CA ARG B 270 3.71 30.40 19.96
C ARG B 270 3.93 28.90 19.88
N ILE B 271 3.00 28.12 20.44
CA ILE B 271 3.17 26.67 20.46
C ILE B 271 2.14 25.95 19.59
N ILE B 272 2.65 25.06 18.73
CA ILE B 272 1.82 24.23 17.89
C ILE B 272 2.18 22.76 18.04
N ALA B 273 1.31 21.90 17.50
CA ALA B 273 1.52 20.45 17.49
C ALA B 273 0.96 19.89 16.21
N GLU B 274 1.38 18.69 15.84
CA GLU B 274 0.97 18.12 14.58
C GLU B 274 0.18 16.82 14.83
N PRO B 275 -1.03 16.94 15.40
CA PRO B 275 -1.67 15.67 15.68
C PRO B 275 -2.33 15.11 14.43
N GLY B 276 -2.37 13.80 14.33
CA GLY B 276 -2.98 13.12 13.23
C GLY B 276 -3.87 12.09 13.86
N ARG B 277 -3.31 10.95 14.26
CA ARG B 277 -4.14 9.86 14.83
C ARG B 277 -5.08 10.36 15.92
N TYR B 278 -4.66 11.36 16.69
CA TYR B 278 -5.51 11.88 17.74
C TYR B 278 -6.92 12.25 17.26
N TYR B 279 -7.05 12.97 16.15
CA TYR B 279 -8.34 13.48 15.68
C TYR B 279 -9.25 12.47 15.07
N VAL B 280 -8.68 11.46 14.43
CA VAL B 280 -9.49 10.65 13.57
C VAL B 280 -9.58 9.17 13.92
N ALA B 281 -8.61 8.63 14.64
CA ALA B 281 -8.57 7.17 14.89
C ALA B 281 -9.95 6.59 15.25
N SER B 282 -10.58 7.16 16.26
CA SER B 282 -11.81 6.59 16.78
C SER B 282 -13.01 6.95 15.94
N ALA B 283 -12.90 8.00 15.15
CA ALA B 283 -14.04 8.48 14.32
C ALA B 283 -14.57 7.50 13.25
N PHE B 284 -13.77 6.51 12.86
CA PHE B 284 -14.11 5.58 11.77
C PHE B 284 -14.23 4.13 12.26
N THR B 285 -15.35 3.49 11.90
CA THR B 285 -15.51 2.07 12.10
C THR B 285 -15.62 1.45 10.74
N LEU B 286 -15.06 0.26 10.61
CA LEU B 286 -15.01 -0.47 9.37
C LEU B 286 -15.88 -1.74 9.44
N ALA B 287 -16.80 -1.89 8.51
CA ALA B 287 -17.62 -3.07 8.49
C ALA B 287 -17.14 -3.87 7.33
N VAL B 288 -16.56 -5.04 7.60
CA VAL B 288 -16.10 -5.95 6.56
C VAL B 288 -17.01 -7.16 6.55
N ASN B 289 -17.05 -7.88 5.46
CA ASN B 289 -17.93 -9.05 5.39
C ASN B 289 -17.17 -10.36 5.27
N ILE B 290 -17.52 -11.33 6.10
CA ILE B 290 -16.95 -12.69 6.02
C ILE B 290 -17.45 -13.31 4.73
N ILE B 291 -16.54 -13.57 3.81
CA ILE B 291 -16.95 -13.91 2.47
C ILE B 291 -16.62 -15.34 2.14
N ALA B 292 -15.68 -15.91 2.89
CA ALA B 292 -15.36 -17.35 2.87
C ALA B 292 -14.99 -17.88 4.26
N LYS B 293 -14.91 -19.21 4.36
CA LYS B 293 -14.72 -19.88 5.62
C LYS B 293 -14.12 -21.25 5.37
N LYS B 294 -13.22 -21.67 6.25
CA LYS B 294 -12.68 -23.02 6.22
C LYS B 294 -12.74 -23.59 7.60
N ILE B 295 -12.95 -24.90 7.68
CA ILE B 295 -12.99 -25.60 8.93
C ILE B 295 -11.81 -26.55 9.01
N VAL B 296 -11.02 -26.45 10.07
CA VAL B 296 -9.91 -27.39 10.29
C VAL B 296 -10.06 -28.23 11.57
N LEU B 297 -9.87 -29.54 11.44
CA LEU B 297 -10.08 -30.50 12.54
C LEU B 297 -8.81 -30.86 13.33
N GLU B 311 -15.38 -29.87 14.38
CA GLU B 311 -15.14 -28.48 13.92
C GLU B 311 -14.39 -27.58 14.93
N GLN B 312 -13.06 -27.57 14.84
CA GLN B 312 -12.21 -27.09 15.94
C GLN B 312 -11.77 -25.65 15.80
N THR B 313 -10.95 -25.36 14.79
CA THR B 313 -10.51 -23.99 14.50
C THR B 313 -11.10 -23.49 13.18
N PHE B 314 -11.38 -22.20 13.11
CA PHE B 314 -11.87 -21.61 11.89
C PHE B 314 -10.87 -20.63 11.26
N MET B 315 -10.89 -20.62 9.94
CA MET B 315 -10.31 -19.54 9.18
C MET B 315 -11.44 -18.75 8.52
N TYR B 316 -11.49 -17.45 8.80
CA TYR B 316 -12.45 -16.57 8.11
C TYR B 316 -11.76 -15.64 7.13
N TYR B 317 -12.38 -15.47 5.96
CA TYR B 317 -11.86 -14.56 4.97
C TYR B 317 -12.80 -13.37 4.86
N VAL B 318 -12.29 -12.17 5.14
CA VAL B 318 -13.11 -10.96 5.04
C VAL B 318 -12.67 -10.16 3.85
N ASN B 319 -13.48 -9.20 3.42
CA ASN B 319 -13.19 -8.47 2.18
C ASN B 319 -12.45 -7.12 2.36
N ASP B 320 -11.44 -7.12 3.21
CA ASP B 320 -10.47 -6.06 3.26
C ASP B 320 -9.23 -6.65 3.88
N GLY B 321 -8.06 -6.17 3.47
CA GLY B 321 -6.82 -6.83 3.79
C GLY B 321 -5.66 -5.94 4.20
N VAL B 322 -4.47 -6.54 4.19
CA VAL B 322 -3.26 -5.80 4.55
C VAL B 322 -2.81 -4.96 3.34
N TYR B 323 -3.43 -5.19 2.20
CA TYR B 323 -3.23 -4.31 1.03
C TYR B 323 -4.22 -3.15 1.02
N GLY B 324 -5.27 -3.22 1.84
CA GLY B 324 -6.24 -2.13 1.97
C GLY B 324 -6.21 -1.40 3.30
N SER B 325 -7.31 -1.40 4.01
CA SER B 325 -7.39 -0.69 5.26
C SER B 325 -6.42 -1.21 6.29
N PHE B 326 -6.24 -2.52 6.32
CA PHE B 326 -5.40 -3.08 7.36
C PHE B 326 -3.91 -2.94 7.06
N ASN B 327 -3.54 -2.19 6.02
CA ASN B 327 -2.13 -2.05 5.66
C ASN B 327 -1.33 -1.61 6.87
N CYS B 328 -2.06 -0.98 7.78
CA CYS B 328 -1.52 -0.46 9.00
C CYS B 328 -0.89 -1.52 9.89
N ILE B 329 -1.35 -2.75 9.84
CA ILE B 329 -0.76 -3.74 10.75
C ILE B 329 0.70 -3.92 10.37
N LEU B 330 1.03 -3.54 9.13
CA LEU B 330 2.42 -3.50 8.67
C LEU B 330 3.12 -2.14 8.85
N TYR B 331 2.68 -1.15 8.10
CA TYR B 331 3.26 0.18 8.15
C TYR B 331 3.12 0.93 9.49
N ASP B 332 1.95 0.86 10.11
CA ASP B 332 1.69 1.59 11.33
C ASP B 332 1.79 0.75 12.59
N HIS B 333 2.01 -0.56 12.45
CA HIS B 333 2.08 -1.48 13.61
C HIS B 333 0.82 -1.48 14.47
N ALA B 334 -0.33 -1.75 13.85
CA ALA B 334 -1.59 -1.74 14.55
C ALA B 334 -1.92 -3.13 15.05
N HIS B 335 -2.64 -3.21 16.16
CA HIS B 335 -3.23 -4.48 16.54
C HIS B 335 -4.71 -4.19 16.46
N VAL B 336 -5.43 -5.00 15.70
CA VAL B 336 -6.85 -4.78 15.48
C VAL B 336 -7.71 -5.77 16.26
N LYS B 337 -8.81 -5.30 16.83
CA LYS B 337 -9.72 -6.16 17.59
C LYS B 337 -11.02 -6.38 16.84
N PRO B 338 -11.23 -7.60 16.34
CA PRO B 338 -12.46 -7.93 15.63
C PRO B 338 -13.67 -7.92 16.55
N LEU B 339 -14.70 -7.18 16.14
CA LEU B 339 -15.95 -7.11 16.89
C LEU B 339 -17.07 -7.73 16.10
N LEU B 340 -18.00 -8.32 16.84
CA LEU B 340 -19.16 -8.95 16.28
C LEU B 340 -20.19 -7.87 16.04
N GLN B 341 -20.74 -7.83 14.84
CA GLN B 341 -21.80 -6.87 14.56
C GLN B 341 -23.07 -7.41 15.19
N LYS B 342 -23.23 -8.72 15.07
CA LYS B 342 -24.36 -9.43 15.63
C LYS B 342 -24.16 -9.52 17.14
N ARG B 343 -25.02 -8.85 17.90
CA ARG B 343 -24.99 -8.96 19.36
C ARG B 343 -24.86 -10.44 19.77
N PRO B 344 -23.81 -10.79 20.55
CA PRO B 344 -23.47 -12.21 20.80
C PRO B 344 -24.48 -12.89 21.72
N LYS B 345 -24.62 -14.21 21.59
CA LYS B 345 -25.53 -14.99 22.46
C LYS B 345 -24.94 -15.17 23.88
N PRO B 346 -25.80 -15.40 24.91
CA PRO B 346 -25.41 -15.12 26.32
C PRO B 346 -24.38 -16.09 26.90
N ASP B 347 -23.53 -16.66 26.03
CA ASP B 347 -22.69 -17.81 26.32
C ASP B 347 -22.87 -18.70 25.10
N GLU B 348 -21.80 -18.92 24.35
CA GLU B 348 -21.99 -19.45 22.99
C GLU B 348 -20.95 -20.42 22.44
N LYS B 349 -19.84 -20.61 23.15
CA LYS B 349 -18.77 -21.47 22.64
C LYS B 349 -17.98 -20.70 21.60
N TYR B 350 -16.75 -20.33 21.97
CA TYR B 350 -15.84 -19.63 21.10
C TYR B 350 -14.91 -20.64 20.49
N TYR B 351 -14.28 -20.27 19.38
CA TYR B 351 -13.26 -21.13 18.77
C TYR B 351 -12.05 -20.31 18.41
N SER B 352 -10.93 -20.99 18.15
CA SER B 352 -9.73 -20.33 17.73
C SER B 352 -9.94 -20.01 16.28
N SER B 353 -9.89 -18.74 15.93
CA SER B 353 -10.17 -18.32 14.58
C SER B 353 -9.07 -17.39 14.15
N SER B 354 -8.77 -17.43 12.87
CA SER B 354 -7.94 -16.40 12.26
C SER B 354 -8.74 -15.67 11.19
N ILE B 355 -8.39 -14.40 10.97
CA ILE B 355 -9.03 -13.59 9.94
C ILE B 355 -8.06 -13.28 8.82
N TRP B 356 -8.55 -13.33 7.60
CA TRP B 356 -7.71 -13.13 6.41
C TRP B 356 -8.35 -12.14 5.46
N GLY B 357 -7.51 -11.46 4.68
CA GLY B 357 -7.96 -10.56 3.62
C GLY B 357 -8.36 -11.30 2.35
N PRO B 358 -8.80 -10.54 1.33
CA PRO B 358 -9.41 -11.13 0.15
C PRO B 358 -8.48 -11.41 -1.04
N THR B 359 -7.21 -11.07 -0.91
CA THR B 359 -6.25 -11.25 -2.00
C THR B 359 -5.64 -12.65 -2.08
N CYS B 360 -5.03 -12.94 -3.23
CA CYS B 360 -4.32 -14.18 -3.49
C CYS B 360 -2.98 -14.19 -2.77
N ASP B 361 -2.74 -13.17 -1.94
CA ASP B 361 -1.48 -13.11 -1.20
C ASP B 361 -1.51 -13.95 0.07
N GLY B 362 -0.87 -15.10 0.02
CA GLY B 362 -0.65 -15.91 1.21
C GLY B 362 -0.31 -15.11 2.47
N LEU B 363 0.41 -14.00 2.34
CA LEU B 363 0.75 -13.20 3.50
C LEU B 363 -0.35 -12.22 3.94
N ASP B 364 -1.47 -12.19 3.23
CA ASP B 364 -2.55 -11.25 3.52
C ASP B 364 -3.47 -11.74 4.66
N ARG B 365 -3.05 -11.50 5.89
CA ARG B 365 -3.66 -12.05 7.07
C ARG B 365 -3.91 -10.94 8.10
N ILE B 366 -5.14 -10.82 8.60
CA ILE B 366 -5.48 -9.70 9.48
C ILE B 366 -5.26 -10.00 10.95
N VAL B 367 -5.93 -11.04 11.43
CA VAL B 367 -5.70 -11.53 12.77
C VAL B 367 -5.12 -12.95 12.68
N GLU B 368 -3.98 -13.16 13.33
CA GLU B 368 -3.32 -14.44 13.20
C GLU B 368 -4.04 -15.46 14.04
N ARG B 369 -4.46 -15.07 15.24
CA ARG B 369 -5.28 -15.94 16.05
C ARG B 369 -6.17 -15.11 16.96
N CYS B 370 -7.41 -15.53 17.16
CA CYS B 370 -8.37 -14.85 18.05
C CYS B 370 -9.46 -15.77 18.57
N ASP B 371 -10.41 -15.21 19.31
CA ASP B 371 -11.47 -16.03 19.87
C ASP B 371 -12.89 -15.59 19.48
N LEU B 372 -13.58 -16.45 18.75
CA LEU B 372 -14.82 -16.06 18.12
C LEU B 372 -15.86 -17.17 18.01
N PRO B 373 -17.12 -16.82 18.23
CA PRO B 373 -18.23 -17.68 17.86
C PRO B 373 -18.06 -18.20 16.45
N GLU B 374 -18.68 -19.35 16.14
CA GLU B 374 -18.72 -19.85 14.79
C GLU B 374 -19.55 -18.83 14.08
N MET B 375 -19.05 -18.38 12.94
CA MET B 375 -19.70 -17.31 12.20
C MET B 375 -19.87 -17.74 10.76
N HIS B 376 -20.67 -16.99 10.02
CA HIS B 376 -21.05 -17.46 8.70
C HIS B 376 -20.76 -16.54 7.49
N VAL B 377 -20.72 -17.11 6.30
CA VAL B 377 -20.49 -16.30 5.13
C VAL B 377 -21.72 -15.42 4.97
N GLY B 378 -21.53 -14.12 5.15
CA GLY B 378 -22.63 -13.19 5.18
C GLY B 378 -22.56 -12.35 6.45
N ASP B 379 -22.00 -12.91 7.51
CA ASP B 379 -21.84 -12.17 8.74
C ASP B 379 -20.84 -11.04 8.55
N TRP B 380 -21.02 -9.96 9.30
CA TRP B 380 -20.14 -8.79 9.23
C TRP B 380 -19.36 -8.67 10.52
N MET B 381 -18.12 -8.22 10.39
CA MET B 381 -17.28 -8.01 11.53
C MET B 381 -16.96 -6.58 11.60
N LEU B 382 -16.82 -6.07 12.80
CA LEU B 382 -16.60 -4.66 12.94
C LEU B 382 -15.22 -4.40 13.43
N PHE B 383 -14.64 -3.33 12.93
CA PHE B 383 -13.34 -2.89 13.35
C PHE B 383 -13.41 -1.46 13.81
N GLU B 384 -13.29 -1.30 15.11
CA GLU B 384 -13.34 0.02 15.74
C GLU B 384 -12.00 0.75 15.62
N ASN B 385 -12.02 2.04 15.92
CA ASN B 385 -10.80 2.88 15.85
C ASN B 385 -9.95 2.68 14.58
N MET B 386 -10.56 2.74 13.40
CA MET B 386 -9.85 2.54 12.12
C MET B 386 -9.64 3.81 11.31
N GLY B 387 -9.65 4.96 11.94
CA GLY B 387 -9.41 6.19 11.20
C GLY B 387 -7.97 6.43 10.78
N ALA B 388 -7.02 6.17 11.66
CA ALA B 388 -5.68 6.63 11.42
C ALA B 388 -4.85 5.71 10.59
N TYR B 389 -4.17 6.27 9.60
CA TYR B 389 -3.21 5.58 8.77
C TYR B 389 -3.77 4.28 8.30
N THR B 390 -5.02 4.32 7.85
CA THR B 390 -5.68 3.13 7.29
C THR B 390 -6.09 3.34 5.83
N VAL B 391 -7.06 4.22 5.59
CA VAL B 391 -7.51 4.38 4.24
C VAL B 391 -6.38 5.06 3.43
N ALA B 392 -5.63 5.91 4.11
CA ALA B 392 -4.71 6.79 3.42
C ALA B 392 -3.54 6.04 2.78
N ALA B 393 -3.26 4.85 3.26
CA ALA B 393 -2.18 4.04 2.65
C ALA B 393 -2.70 2.76 2.00
N ALA B 394 -3.99 2.71 1.69
CA ALA B 394 -4.60 1.55 1.08
C ALA B 394 -4.40 1.63 -0.40
N SER B 395 -4.04 0.51 -1.01
CA SER B 395 -3.89 0.38 -2.46
C SER B 395 -4.90 -0.63 -2.92
N THR B 396 -5.23 -0.59 -4.21
CA THR B 396 -6.27 -1.45 -4.73
C THR B 396 -5.64 -2.66 -5.43
N PHE B 397 -4.62 -3.21 -4.79
CA PHE B 397 -3.96 -4.44 -5.22
C PHE B 397 -4.98 -5.56 -5.44
N ASN B 398 -4.73 -6.35 -6.48
CA ASN B 398 -5.51 -7.54 -6.80
C ASN B 398 -6.87 -7.09 -7.32
N GLY B 399 -7.02 -5.78 -7.46
CA GLY B 399 -8.23 -5.19 -8.03
C GLY B 399 -9.37 -4.99 -7.04
N PHE B 400 -9.06 -5.08 -5.74
CA PHE B 400 -10.06 -4.90 -4.70
C PHE B 400 -10.26 -3.44 -4.33
N GLN B 401 -11.50 -3.05 -4.27
CA GLN B 401 -11.84 -1.64 -4.12
C GLN B 401 -11.70 -1.03 -2.73
N ARG B 402 -11.36 0.25 -2.67
CA ARG B 402 -11.33 0.97 -1.40
C ARG B 402 -12.73 0.96 -0.89
N PRO B 403 -12.94 0.57 0.38
CA PRO B 403 -14.26 0.55 0.98
C PRO B 403 -14.91 1.90 0.92
N THR B 404 -16.20 1.91 0.67
CA THR B 404 -17.02 3.13 0.63
C THR B 404 -17.15 3.79 2.02
N ILE B 405 -17.00 5.11 2.14
CA ILE B 405 -17.06 5.80 3.45
C ILE B 405 -18.36 6.61 3.70
N TYR B 406 -19.12 6.28 4.74
CA TYR B 406 -20.30 7.08 5.03
C TYR B 406 -20.02 8.06 6.16
N TYR B 407 -20.03 9.35 5.82
CA TYR B 407 -19.90 10.39 6.80
C TYR B 407 -21.21 10.68 7.51
N VAL B 408 -21.14 10.86 8.82
CA VAL B 408 -22.31 11.18 9.61
C VAL B 408 -22.02 12.24 10.66
N MET B 409 -23.01 13.07 10.96
CA MET B 409 -22.86 14.09 11.97
C MET B 409 -24.16 14.34 12.68
N SER B 410 -24.16 14.24 14.02
CA SER B 410 -25.36 14.54 14.85
C SER B 410 -25.82 16.01 14.83
N GLY B 411 -27.07 16.24 15.25
CA GLY B 411 -27.57 17.60 15.44
C GLY B 411 -26.62 18.43 16.31
N PRO B 412 -26.40 17.98 17.58
CA PRO B 412 -25.42 18.59 18.48
C PRO B 412 -24.11 18.94 17.76
N ALA B 413 -23.42 17.89 17.28
CA ALA B 413 -22.19 18.07 16.57
C ALA B 413 -22.27 19.30 15.66
N TRP B 414 -23.27 19.38 14.77
CA TRP B 414 -23.32 20.49 13.79
C TRP B 414 -23.42 21.84 14.46
N GLN B 415 -24.18 21.89 15.57
CA GLN B 415 -24.30 23.10 16.37
C GLN B 415 -22.91 23.61 16.70
N LEU B 416 -22.16 22.74 17.39
CA LEU B 416 -20.78 22.97 17.80
C LEU B 416 -19.78 23.31 16.68
N MET B 417 -19.96 22.75 15.47
CA MET B 417 -19.11 23.10 14.31
C MET B 417 -19.38 24.55 13.84
N GLN B 418 -20.56 25.08 14.17
CA GLN B 418 -20.92 26.49 13.86
C GLN B 418 -20.19 27.50 14.75
N GLN B 419 -20.23 27.24 16.05
CA GLN B 419 -19.59 28.12 17.02
C GLN B 419 -18.14 28.43 16.64
N PHE B 420 -17.44 27.41 16.14
CA PHE B 420 -16.05 27.52 15.73
C PHE B 420 -15.87 28.29 14.43
N GLN B 421 -16.89 28.27 13.56
CA GLN B 421 -16.78 28.77 12.15
C GLN B 421 -15.62 29.76 11.84
N1 XAP C . 5.50 -15.90 -12.33
C1 XAP C . 4.78 -15.13 -11.33
C2 XAP C . 3.43 -15.76 -11.03
C3 XAP C . 2.91 -15.24 -9.71
O1 XAP C . 4.07 -14.69 -9.09
N2 XAP C . 5.11 -15.59 -8.63
N1 XAP D . -1.68 12.08 16.18
C1 XAP D . -0.26 11.97 16.42
C2 XAP D . 0.54 12.39 15.19
C3 XAP D . 1.58 11.33 14.94
O1 XAP D . 0.82 10.17 14.64
N2 XAP D . -0.35 10.39 13.84
#